data_1F7V
#
_entry.id   1F7V
#
_cell.length_a   107.721
_cell.length_b   129.606
_cell.length_c   184.006
_cell.angle_alpha   90.00
_cell.angle_beta   90.00
_cell.angle_gamma   90.00
#
_symmetry.space_group_name_H-M   'I 2 2 2'
#
loop_
_entity.id
_entity.type
_entity.pdbx_description
1 polymer TRNA(ARG)
2 polymer 'ARGINYL-TRNA SYNTHETASE'
3 water water
#
loop_
_entity_poly.entity_id
_entity_poly.type
_entity_poly.pdbx_seq_one_letter_code
_entity_poly.pdbx_strand_id
1 'polyribonucleotide'
;(PSU)UCCUCGU(1MG)(2MG)CCCAA(H2U)GG(H2U)CACGGC(M2G)(PSU)CUGGCUICGAACCAGAAGA(H2U)U
(5MC)CAGG(5MU)(PSU)CA(1MA)GUCCUGGCGGGGAAGCCA
;
B
2 'polypeptide(L)'
;MASTANMISQLKKLSIAEPAVAKDSHPDVNIVDLMRNYISQELSKISGVDSSLIFPALEWTNTMERGDLLIPIPRLRIKG
ANPKDLAVQWAEKFPCGDFLEKVEANGPFIQFFFNPQFLAKLVIPDILTRKEDYGSCKLVENKKVIIEFSSPNIAKPFHA
GHLRSTIIGGFLANLYEKLGWEVIRMNYLGDWGKQFGLLAVGFERYGNEEALVKDPIHHLFDVYVRINKDIEEEGDSIPL
EQSTNGKAREYFKRMEDGDEEALKIWKRFREFSIEKYIDTYARLNIKYDVYSGESQVSKESMLKAIDLFKEKGLTHEDKG
AVLIDLTKFNKKLGKAIVQKSDGTTLYLTRDVGAAMDRYEKYHFDKMIYVIASQQDLHAAQFFEILKQMGFEWAKDLQHV
NFGMVQGMSTRKGTVVFLDNILEETKEKMHEVMKKNENKYAQIEHPEEVADLVGISAVMIQDMQGKRINNYEFKWERMLS
FEGDTGPYLQYAHSRLRSVERNASGITQEKWINADFSLLKEPAAKLLIRLLGQYPDVLRNAIKTHEPTTVVTYLFKLTHQ
VSSCYDVLWVAGQTEELATARLALYGAARQVLYNGMRLLGLTPVERM
;
A
#
loop_
_chem_comp.id
_chem_comp.type
_chem_comp.name
_chem_comp.formula
1MA RNA linking 6-HYDRO-1-METHYLADENOSINE-5'-MONOPHOSPHATE 'C11 H16 N5 O7 P'
1MG RNA linking 1N-METHYLGUANOSINE-5'-MONOPHOSPHATE 'C11 H16 N5 O8 P'
2MG RNA linking 2N-METHYLGUANOSINE-5'-MONOPHOSPHATE 'C11 H16 N5 O8 P'
5MC RNA linking 5-METHYLCYTIDINE-5'-MONOPHOSPHATE 'C10 H16 N3 O8 P'
5MU RNA linking '5-METHYLURIDINE 5'-MONOPHOSPHATE' 'C10 H15 N2 O9 P'
A RNA linking ADENOSINE-5'-MONOPHOSPHATE 'C10 H14 N5 O7 P'
C RNA linking CYTIDINE-5'-MONOPHOSPHATE 'C9 H14 N3 O8 P'
G RNA linking GUANOSINE-5'-MONOPHOSPHATE 'C10 H14 N5 O8 P'
H2U RNA linking 5,6-DIHYDROURIDINE-5'-MONOPHOSPHATE 'C9 H15 N2 O9 P'
I RNA linking 'INOSINIC ACID' 'C10 H13 N4 O8 P'
M2G RNA linking N2-DIMETHYLGUANOSINE-5'-MONOPHOSPHATE 'C12 H18 N5 O8 P'
PSU RNA linking PSEUDOURIDINE-5'-MONOPHOSPHATE 'C9 H13 N2 O9 P'
U RNA linking URIDINE-5'-MONOPHOSPHATE 'C9 H13 N2 O9 P'
#
# COMPACT_ATOMS: atom_id res chain seq x y z
N1 PSU A 1 -28.78 -12.97 -16.59
C2 PSU A 1 -28.57 -12.40 -15.36
N3 PSU A 1 -29.24 -11.24 -15.14
C4 PSU A 1 -30.09 -10.63 -16.04
C5 PSU A 1 -30.22 -11.33 -17.29
C6 PSU A 1 -29.53 -12.48 -17.44
O2 PSU A 1 -27.83 -12.91 -14.52
O4 PSU A 1 -30.65 -9.57 -15.74
C1' PSU A 1 -31.04 -10.76 -18.38
C2' PSU A 1 -30.60 -9.40 -18.93
O2' PSU A 1 -31.65 -8.46 -18.83
C3' PSU A 1 -30.30 -9.76 -20.37
C4' PSU A 1 -31.35 -10.81 -20.70
O3' PSU A 1 -30.35 -8.64 -21.23
O4' PSU A 1 -31.60 -11.49 -19.45
C5' PSU A 1 -30.90 -11.80 -21.74
O5' PSU A 1 -29.57 -12.27 -21.44
P PSU A 1 -29.22 -13.86 -21.38
OP1 PSU A 1 -30.44 -14.52 -20.75
OP2 PSU A 1 -27.98 -13.99 -20.51
OP3 PSU A 1 -28.98 -14.29 -22.81
P 1MG A 9 0.56 -13.27 -23.67
OP1 1MG A 9 -0.43 -14.26 -24.14
OP2 1MG A 9 0.80 -13.10 -22.22
O5' 1MG A 9 1.96 -13.54 -24.38
C5' 1MG A 9 2.02 -14.02 -25.73
C4' 1MG A 9 3.27 -14.83 -25.95
O4' 1MG A 9 4.45 -13.99 -25.83
C3' 1MG A 9 3.50 -16.03 -25.03
O3' 1MG A 9 4.14 -17.03 -25.80
C2' 1MG A 9 4.55 -15.51 -24.05
O2' 1MG A 9 5.37 -16.51 -23.48
C1' 1MG A 9 5.39 -14.63 -24.99
N9 1MG A 9 6.19 -13.62 -24.31
C8 1MG A 9 6.11 -13.25 -23.00
N7 1MG A 9 6.97 -12.33 -22.67
C5 1MG A 9 7.66 -12.07 -23.83
C6 1MG A 9 8.70 -11.16 -24.09
O6 1MG A 9 9.23 -10.38 -23.30
N1 1MG A 9 9.13 -11.21 -25.40
CM1 1MG A 9 10.22 -10.29 -25.81
C2 1MG A 9 8.60 -12.03 -26.37
N2 1MG A 9 9.13 -11.92 -27.60
N3 1MG A 9 7.61 -12.89 -26.14
C4 1MG A 9 7.19 -12.86 -24.87
P 2MG A 10 3.28 -18.19 -26.49
OP1 2MG A 10 4.21 -19.04 -27.27
OP2 2MG A 10 2.13 -17.54 -27.17
O5' 2MG A 10 2.72 -19.06 -25.27
C5' 2MG A 10 1.91 -20.20 -25.51
C4' 2MG A 10 2.16 -21.23 -24.45
O4' 2MG A 10 3.55 -21.62 -24.50
C3' 2MG A 10 1.95 -20.73 -23.03
O3' 2MG A 10 0.60 -20.83 -22.63
C2' 2MG A 10 2.87 -21.62 -22.22
O2' 2MG A 10 2.28 -22.88 -21.98
C1' 2MG A 10 4.05 -21.78 -23.18
N9 2MG A 10 5.11 -20.79 -23.00
C8 2MG A 10 5.65 -19.97 -23.97
N7 2MG A 10 6.61 -19.21 -23.53
C5 2MG A 10 6.71 -19.52 -22.18
C6 2MG A 10 7.57 -19.02 -21.19
O6 2MG A 10 8.46 -18.15 -21.30
N1 2MG A 10 7.33 -19.59 -19.94
C2 2MG A 10 6.37 -20.55 -19.69
N2 2MG A 10 6.30 -20.97 -18.40
CM2 2MG A 10 5.23 -22.00 -18.29
N3 2MG A 10 5.56 -21.04 -20.62
C4 2MG A 10 5.78 -20.49 -21.83
P H2U A 16 3.59 4.68 -16.49
OP1 H2U A 16 4.08 5.63 -17.50
OP2 H2U A 16 4.34 4.51 -15.21
O5' H2U A 16 2.10 5.05 -16.12
C5' H2U A 16 1.18 5.42 -17.15
C4' H2U A 16 0.38 6.61 -16.71
O4' H2U A 16 1.27 7.57 -16.11
C3' H2U A 16 -0.31 7.32 -17.86
O3' H2U A 16 -1.50 7.89 -17.37
C1' H2U A 16 1.23 8.78 -16.82
C2' H2U A 16 0.66 8.44 -18.20
O2' H2U A 16 -0.02 9.54 -18.75
N1 H2U A 16 2.58 9.34 -16.84
C2 H2U A 16 2.80 10.43 -16.04
O2 H2U A 16 1.90 11.06 -15.54
N3 H2U A 16 4.14 10.74 -15.83
C4 H2U A 16 5.22 10.39 -16.62
O4 H2U A 16 6.30 10.94 -16.42
C5 H2U A 16 4.99 9.38 -17.65
C6 H2U A 16 3.59 8.79 -17.75
P H2U A 19 6.09 5.66 -25.89
OP1 H2U A 19 4.91 4.82 -25.60
OP2 H2U A 19 7.33 5.53 -25.06
O5' H2U A 19 6.53 5.47 -27.41
C5' H2U A 19 5.64 5.80 -28.48
C4' H2U A 19 6.32 5.58 -29.80
O4' H2U A 19 7.39 6.55 -29.96
C3' H2U A 19 6.99 4.21 -29.91
O3' H2U A 19 6.95 3.81 -31.27
C1' H2U A 19 8.62 5.90 -30.08
C2' H2U A 19 8.43 4.50 -29.52
O2' H2U A 19 9.33 3.59 -30.10
N1 H2U A 19 9.63 6.70 -29.39
C2 H2U A 19 10.41 7.54 -30.16
O2 H2U A 19 10.16 7.79 -31.33
N3 H2U A 19 11.49 8.09 -29.51
C4 H2U A 19 11.67 8.25 -28.15
O4 H2U A 19 12.61 8.91 -27.74
C5 H2U A 19 10.68 7.60 -27.28
C6 H2U A 19 9.80 6.57 -27.94
P M2G A 26 12.19 -21.73 -13.37
OP1 M2G A 26 12.46 -22.84 -12.44
OP2 M2G A 26 13.32 -20.87 -13.80
O5' M2G A 26 11.53 -22.36 -14.68
C5' M2G A 26 10.36 -23.18 -14.58
C4' M2G A 26 9.92 -23.60 -15.95
O4' M2G A 26 9.26 -22.50 -16.65
C3' M2G A 26 11.03 -24.02 -16.90
O3' M2G A 26 11.50 -25.34 -16.67
C2' M2G A 26 10.39 -23.83 -18.27
O2' M2G A 26 9.58 -24.92 -18.65
C1' M2G A 26 9.54 -22.58 -18.04
N9 M2G A 26 10.30 -21.41 -18.41
C8 M2G A 26 11.06 -20.63 -17.58
N7 M2G A 26 11.72 -19.70 -18.21
C5 M2G A 26 11.35 -19.85 -19.53
C6 M2G A 26 11.76 -19.12 -20.67
O6 M2G A 26 12.55 -18.18 -20.73
N1 M2G A 26 11.15 -19.60 -21.82
C2 M2G A 26 10.26 -20.65 -21.87
N2 M2G A 26 9.75 -20.96 -23.09
N3 M2G A 26 9.88 -21.34 -20.81
C4 M2G A 26 10.47 -20.89 -19.68
CM1 M2G A 26 8.80 -22.09 -23.02
CM2 M2G A 26 10.29 -20.08 -24.15
N1 PSU A 27 14.43 -20.99 -19.28
C2 PSU A 27 15.02 -20.00 -20.04
N3 PSU A 27 15.02 -20.23 -21.39
C4 PSU A 27 14.48 -21.33 -22.00
C5 PSU A 27 13.90 -22.28 -21.10
C6 PSU A 27 13.93 -22.00 -19.78
O2 PSU A 27 15.51 -19.00 -19.54
O4 PSU A 27 14.52 -21.44 -23.22
C1' PSU A 27 13.42 -23.56 -21.61
C2' PSU A 27 14.50 -24.54 -22.07
O2' PSU A 27 14.24 -25.03 -23.36
C3' PSU A 27 14.35 -25.63 -21.02
C4' PSU A 27 12.86 -25.70 -20.83
O3' PSU A 27 14.91 -26.86 -21.42
O4' PSU A 27 12.39 -24.34 -21.03
C5' PSU A 27 12.48 -26.15 -19.45
O5' PSU A 27 13.24 -25.42 -18.48
P PSU A 27 13.04 -25.69 -16.92
OP1 PSU A 27 13.23 -27.16 -16.68
OP2 PSU A 27 13.85 -24.72 -16.16
P H2U A 47 2.25 -12.81 -31.32
OP1 H2U A 47 2.09 -14.17 -30.71
OP2 H2U A 47 2.83 -12.68 -32.69
O5' H2U A 47 0.84 -12.07 -31.29
C5' H2U A 47 0.43 -11.20 -32.36
C4' H2U A 47 0.49 -9.76 -31.90
O4' H2U A 47 1.84 -9.28 -32.05
C3' H2U A 47 -0.42 -8.79 -32.64
O3' H2U A 47 -1.17 -7.97 -31.70
C1' H2U A 47 1.85 -8.09 -32.82
C2' H2U A 47 0.52 -8.04 -33.58
O2' H2U A 47 0.14 -6.72 -33.88
N1 H2U A 47 3.02 -8.11 -33.72
C2 H2U A 47 3.35 -6.94 -34.39
O2 H2U A 47 2.62 -5.94 -34.38
N3 H2U A 47 4.55 -6.95 -35.05
C4 H2U A 47 5.59 -7.85 -34.88
O4 H2U A 47 6.74 -7.50 -35.16
C5 H2U A 47 5.22 -9.18 -34.36
C6 H2U A 47 3.77 -9.36 -33.94
P 5MC A 49 -4.70 -8.41 -25.85
OP1 5MC A 49 -5.29 -7.08 -26.14
OP2 5MC A 49 -5.04 -9.12 -24.59
O5' 5MC A 49 -5.11 -9.37 -27.04
C5' 5MC A 49 -4.87 -10.77 -26.98
C4' 5MC A 49 -6.06 -11.51 -27.52
O4' 5MC A 49 -7.07 -11.63 -26.49
C3' 5MC A 49 -6.76 -10.79 -28.65
O3' 5MC A 49 -6.15 -11.01 -29.90
C2' 5MC A 49 -8.17 -11.35 -28.58
O2' 5MC A 49 -8.30 -12.59 -29.22
C1' 5MC A 49 -8.36 -11.52 -27.08
N1 5MC A 49 -9.04 -10.40 -26.46
C2 5MC A 49 -10.41 -10.25 -26.67
O2 5MC A 49 -10.99 -11.08 -27.39
N3 5MC A 49 -11.08 -9.21 -26.10
C4 5MC A 49 -10.43 -8.33 -25.33
N4 5MC A 49 -11.12 -7.34 -24.78
C5 5MC A 49 -9.01 -8.48 -25.11
C6 5MC A 49 -8.36 -9.49 -25.68
CM5 5MC A 49 -8.26 -7.51 -24.26
N1 5MU A 54 -10.38 7.65 -31.55
C2 5MU A 54 -9.46 7.40 -30.55
N3 5MU A 54 -8.50 6.49 -30.87
C4 5MU A 54 -8.37 5.80 -32.06
C5 5MU A 54 -9.37 6.08 -33.05
C5M 5MU A 54 -9.32 5.37 -34.37
C6 5MU A 54 -10.32 6.98 -32.75
O2 5MU A 54 -9.49 7.97 -29.47
O4 5MU A 54 -7.44 5.01 -32.21
C1' 5MU A 54 -11.43 8.65 -31.32
C2' 5MU A 54 -10.97 10.05 -31.74
O2' 5MU A 54 -11.59 11.00 -30.90
C3' 5MU A 54 -11.50 10.13 -33.17
C4' 5MU A 54 -12.82 9.38 -33.05
O3' 5MU A 54 -11.66 11.46 -33.62
O4' 5MU A 54 -12.55 8.32 -32.11
C5' 5MU A 54 -13.34 8.80 -34.34
O5' 5MU A 54 -12.30 8.09 -35.02
P 5MU A 54 -12.51 7.56 -36.50
OP1 5MU A 54 -13.17 8.62 -37.30
OP2 5MU A 54 -11.23 6.96 -36.98
N1 PSU A 55 -7.02 8.15 -34.21
C2 PSU A 55 -5.93 7.32 -34.16
N3 PSU A 55 -5.04 7.60 -33.15
C4 PSU A 55 -5.15 8.63 -32.26
C5 PSU A 55 -6.33 9.44 -32.44
C6 PSU A 55 -7.17 9.10 -33.42
O2 PSU A 55 -5.77 6.40 -34.93
O4 PSU A 55 -4.29 8.80 -31.38
C1' PSU A 55 -6.42 10.73 -31.74
C2' PSU A 55 -5.53 11.83 -32.31
O2' PSU A 55 -4.82 12.43 -31.26
C3' PSU A 55 -6.58 12.78 -32.88
C4' PSU A 55 -7.69 12.71 -31.84
O3' PSU A 55 -6.10 14.11 -33.05
O4' PSU A 55 -7.62 11.35 -31.31
C5' PSU A 55 -9.05 12.92 -32.43
O5' PSU A 55 -9.21 12.06 -33.58
P PSU A 55 -10.51 12.16 -34.49
OP1 PSU A 55 -10.83 13.60 -34.65
OP2 PSU A 55 -10.27 11.32 -35.69
P 1MA A 58 -1.91 4.91 -32.57
OP1 1MA A 58 -1.46 3.61 -33.16
OP2 1MA A 58 -3.14 5.56 -33.06
O5' 1MA A 58 -2.06 4.73 -30.98
C5' 1MA A 58 -0.97 4.21 -30.19
C4' 1MA A 58 -1.49 3.28 -29.15
O4' 1MA A 58 -2.43 4.00 -28.31
C3' 1MA A 58 -2.25 2.07 -29.70
O3' 1MA A 58 -2.09 1.00 -28.79
C2' 1MA A 58 -3.70 2.52 -29.61
O2' 1MA A 58 -4.58 1.43 -29.42
C1' 1MA A 58 -3.69 3.36 -28.34
N9 1MA A 58 -4.73 4.39 -28.30
C8 1MA A 58 -5.54 4.82 -29.31
N7 1MA A 58 -6.35 5.79 -28.96
C5 1MA A 58 -6.04 6.01 -27.62
C6 1MA A 58 -6.54 6.92 -26.68
N6 1MA A 58 -7.47 7.82 -26.94
N1 1MA A 58 -6.02 6.86 -25.43
CM1 1MA A 58 -6.49 7.77 -24.35
C2 1MA A 58 -5.07 5.96 -25.17
N3 1MA A 58 -4.51 5.06 -25.97
C4 1MA A 58 -5.05 5.14 -27.20
N ALA B 2 28.13 33.87 -10.50
CA ALA B 2 27.52 32.63 -9.98
C ALA B 2 27.93 31.42 -10.83
N SER B 3 27.72 30.21 -10.31
CA SER B 3 28.06 28.97 -11.03
C SER B 3 27.17 27.74 -10.73
N THR B 4 27.77 26.55 -10.65
CA THR B 4 27.03 25.31 -10.42
C THR B 4 26.33 25.12 -9.09
N ALA B 5 27.04 25.38 -7.99
CA ALA B 5 26.40 25.22 -6.68
C ALA B 5 25.30 26.27 -6.60
N ASN B 6 25.47 27.33 -7.39
CA ASN B 6 24.53 28.44 -7.45
C ASN B 6 23.31 28.10 -8.31
N MET B 7 23.54 27.46 -9.44
CA MET B 7 22.44 27.07 -10.33
C MET B 7 21.43 26.21 -9.58
N ILE B 8 21.95 25.34 -8.72
CA ILE B 8 21.14 24.45 -7.91
C ILE B 8 20.20 25.24 -7.00
N SER B 9 20.72 26.31 -6.41
CA SER B 9 19.92 27.16 -5.53
C SER B 9 18.83 27.85 -6.34
N GLN B 10 19.21 28.41 -7.48
CA GLN B 10 18.25 29.08 -8.36
C GLN B 10 17.18 28.08 -8.76
N LEU B 11 17.59 26.84 -8.97
CA LEU B 11 16.67 25.78 -9.36
C LEU B 11 15.82 25.23 -8.20
N LYS B 12 16.34 25.31 -6.98
CA LYS B 12 15.59 24.83 -5.81
C LYS B 12 14.56 25.86 -5.37
N LYS B 13 14.80 27.12 -5.70
CA LYS B 13 13.89 28.21 -5.36
C LYS B 13 13.25 28.69 -6.65
N LEU B 14 12.90 27.74 -7.50
CA LEU B 14 12.29 28.00 -8.80
C LEU B 14 10.97 27.25 -8.98
N SER B 15 9.87 27.99 -9.11
CA SER B 15 8.56 27.40 -9.29
C SER B 15 8.10 27.61 -10.73
N ILE B 16 8.82 27.00 -11.66
CA ILE B 16 8.51 27.10 -13.08
C ILE B 16 7.15 26.45 -13.31
N ALA B 17 6.76 25.60 -12.37
CA ALA B 17 5.48 24.92 -12.44
C ALA B 17 4.39 25.88 -11.97
N GLU B 18 3.16 25.67 -12.42
CA GLU B 18 2.06 26.54 -12.05
C GLU B 18 1.57 26.27 -10.61
N PRO B 19 0.69 27.12 -10.07
CA PRO B 19 0.17 26.94 -8.71
C PRO B 19 -0.37 25.54 -8.42
N ALA B 20 -0.64 24.78 -9.48
CA ALA B 20 -1.16 23.43 -9.33
C ALA B 20 -0.07 22.36 -9.38
N VAL B 21 0.72 22.36 -10.45
CA VAL B 21 1.79 21.37 -10.62
C VAL B 21 3.06 21.65 -9.78
N ALA B 22 3.32 22.94 -9.49
CA ALA B 22 4.49 23.32 -8.70
C ALA B 22 4.40 22.70 -7.31
N LYS B 23 3.20 22.29 -6.92
CA LYS B 23 2.99 21.65 -5.63
C LYS B 23 3.51 20.22 -5.75
N ASP B 24 4.09 19.93 -6.91
CA ASP B 24 4.68 18.63 -7.19
C ASP B 24 6.18 18.79 -7.29
N SER B 25 6.63 19.98 -7.68
CA SER B 25 8.06 20.24 -7.81
C SER B 25 8.70 20.41 -6.44
N HIS B 26 9.66 19.55 -6.14
CA HIS B 26 10.35 19.58 -4.87
C HIS B 26 11.83 19.32 -5.13
N PRO B 27 12.47 20.24 -5.86
CA PRO B 27 13.88 20.15 -6.22
C PRO B 27 14.77 19.80 -5.04
N ASP B 28 14.36 20.23 -3.86
CA ASP B 28 15.14 20.00 -2.65
C ASP B 28 15.24 18.54 -2.20
N VAL B 29 14.23 17.74 -2.49
CA VAL B 29 14.25 16.34 -2.06
C VAL B 29 13.92 15.34 -3.15
N ASN B 30 14.05 15.77 -4.39
CA ASN B 30 13.77 14.92 -5.53
C ASN B 30 14.66 15.37 -6.67
N ILE B 31 15.76 14.64 -6.87
CA ILE B 31 16.71 14.99 -7.91
C ILE B 31 16.07 15.10 -9.29
N VAL B 32 15.06 14.29 -9.55
CA VAL B 32 14.41 14.33 -10.86
C VAL B 32 13.65 15.64 -11.05
N ASP B 33 13.12 16.15 -9.95
CA ASP B 33 12.41 17.42 -10.01
C ASP B 33 13.43 18.51 -10.32
N LEU B 34 14.59 18.44 -9.67
CA LEU B 34 15.63 19.41 -9.90
C LEU B 34 15.88 19.45 -11.41
N MET B 35 16.06 18.27 -12.00
CA MET B 35 16.29 18.19 -13.43
C MET B 35 15.09 18.72 -14.21
N ARG B 36 13.87 18.39 -13.77
CA ARG B 36 12.69 18.88 -14.47
C ARG B 36 12.75 20.40 -14.54
N ASN B 37 13.12 21.01 -13.41
CA ASN B 37 13.25 22.45 -13.35
C ASN B 37 14.29 22.89 -14.38
N TYR B 38 15.52 22.41 -14.21
CA TYR B 38 16.59 22.76 -15.13
C TYR B 38 16.16 22.63 -16.60
N ILE B 39 15.78 21.42 -17.00
CA ILE B 39 15.37 21.18 -18.38
C ILE B 39 14.30 22.15 -18.86
N SER B 40 13.34 22.44 -18.00
CA SER B 40 12.25 23.35 -18.35
C SER B 40 12.78 24.76 -18.60
N GLN B 41 13.50 25.28 -17.62
CA GLN B 41 14.07 26.61 -17.71
C GLN B 41 14.87 26.77 -19.00
N GLU B 42 15.76 25.81 -19.26
CA GLU B 42 16.58 25.86 -20.46
C GLU B 42 15.82 25.69 -21.76
N LEU B 43 14.96 24.68 -21.84
CA LEU B 43 14.20 24.46 -23.07
C LEU B 43 13.30 25.64 -23.37
N SER B 44 12.88 26.37 -22.34
CA SER B 44 12.03 27.53 -22.54
C SER B 44 12.87 28.59 -23.27
N LYS B 45 14.07 28.84 -22.75
CA LYS B 45 14.97 29.82 -23.36
C LYS B 45 15.22 29.48 -24.82
N ILE B 46 15.20 28.20 -25.15
CA ILE B 46 15.44 27.78 -26.52
C ILE B 46 14.21 27.81 -27.41
N SER B 47 13.11 27.30 -26.88
CA SER B 47 11.87 27.18 -27.64
C SER B 47 10.97 28.41 -27.68
N GLY B 48 10.97 29.19 -26.61
CA GLY B 48 10.11 30.36 -26.56
C GLY B 48 8.83 30.01 -25.85
N VAL B 49 8.64 28.72 -25.61
CA VAL B 49 7.45 28.23 -24.93
C VAL B 49 7.53 28.44 -23.42
N ASP B 50 6.43 28.86 -22.81
CA ASP B 50 6.38 29.08 -21.37
C ASP B 50 6.86 27.81 -20.67
N SER B 51 7.72 27.98 -19.67
CA SER B 51 8.26 26.84 -18.94
C SER B 51 7.19 26.04 -18.19
N SER B 52 6.11 26.70 -17.79
CA SER B 52 5.02 26.03 -17.10
C SER B 52 4.32 25.06 -18.05
N LEU B 53 4.49 25.29 -19.35
CA LEU B 53 3.90 24.42 -20.36
C LEU B 53 4.80 23.21 -20.61
N ILE B 54 6.11 23.42 -20.48
CA ILE B 54 7.09 22.36 -20.70
C ILE B 54 7.18 21.38 -19.54
N PHE B 55 7.27 21.91 -18.33
CA PHE B 55 7.41 21.07 -17.13
C PHE B 55 6.55 19.81 -17.13
N PRO B 56 5.22 19.95 -17.13
CA PRO B 56 4.36 18.76 -17.11
C PRO B 56 4.45 17.90 -18.37
N ALA B 57 5.11 18.40 -19.40
CA ALA B 57 5.23 17.64 -20.64
C ALA B 57 6.44 16.71 -20.59
N LEU B 58 7.27 16.88 -19.55
CA LEU B 58 8.45 16.05 -19.37
C LEU B 58 8.03 14.73 -18.80
N GLU B 59 8.34 13.64 -19.48
CA GLU B 59 7.96 12.31 -19.02
C GLU B 59 9.14 11.46 -18.61
N TRP B 60 8.96 10.66 -17.56
CA TRP B 60 10.00 9.75 -17.14
C TRP B 60 9.94 8.64 -18.19
N THR B 61 11.08 8.06 -18.53
CA THR B 61 11.13 7.03 -19.58
C THR B 61 10.76 5.61 -19.18
N ASN B 62 10.52 4.78 -20.19
CA ASN B 62 10.14 3.37 -19.99
C ASN B 62 11.32 2.59 -19.44
N THR B 63 12.38 2.60 -20.22
CA THR B 63 13.62 1.92 -19.88
C THR B 63 14.71 2.98 -19.82
N MET B 64 15.79 2.70 -19.10
CA MET B 64 16.85 3.67 -18.98
C MET B 64 17.69 3.88 -20.23
N GLU B 65 17.31 3.23 -21.31
CA GLU B 65 18.06 3.37 -22.55
C GLU B 65 17.62 4.61 -23.32
N ARG B 66 16.39 5.05 -23.08
CA ARG B 66 15.85 6.20 -23.79
C ARG B 66 16.09 7.53 -23.09
N GLY B 67 16.85 7.49 -21.99
CA GLY B 67 17.13 8.70 -21.23
C GLY B 67 16.55 8.63 -19.83
N ASP B 68 16.55 9.77 -19.13
CA ASP B 68 16.01 9.82 -17.77
C ASP B 68 14.67 10.51 -17.80
N LEU B 69 14.51 11.41 -18.76
CA LEU B 69 13.26 12.13 -18.97
C LEU B 69 13.20 12.37 -20.47
N LEU B 70 12.02 12.66 -20.97
CA LEU B 70 11.89 12.95 -22.39
C LEU B 70 10.65 13.79 -22.56
N ILE B 71 10.55 14.43 -23.72
CA ILE B 71 9.37 15.23 -23.98
C ILE B 71 8.85 15.01 -25.40
N PRO B 72 7.56 14.70 -25.52
CA PRO B 72 6.95 14.47 -26.82
C PRO B 72 6.63 15.86 -27.37
N ILE B 73 7.34 16.29 -28.41
CA ILE B 73 7.09 17.62 -28.94
C ILE B 73 5.59 17.86 -29.20
N PRO B 74 4.91 16.89 -29.84
CA PRO B 74 3.48 17.06 -30.12
C PRO B 74 2.68 17.59 -28.93
N ARG B 75 3.11 17.23 -27.74
CA ARG B 75 2.43 17.65 -26.53
C ARG B 75 2.43 19.16 -26.33
N LEU B 76 3.47 19.83 -26.82
CA LEU B 76 3.56 21.28 -26.65
C LEU B 76 2.55 21.99 -27.55
N ARG B 77 1.91 21.25 -28.45
CA ARG B 77 0.91 21.82 -29.35
C ARG B 77 1.40 23.10 -30.03
N ILE B 78 2.54 23.02 -30.71
CA ILE B 78 3.08 24.18 -31.41
C ILE B 78 2.52 24.19 -32.83
N LYS B 79 1.57 25.09 -33.05
CA LYS B 79 0.89 25.24 -34.34
C LYS B 79 1.75 25.15 -35.60
N GLY B 80 1.32 24.26 -36.51
CA GLY B 80 2.00 24.06 -37.77
C GLY B 80 3.43 23.57 -37.72
N ALA B 81 3.93 23.29 -36.53
CA ALA B 81 5.31 22.83 -36.38
C ALA B 81 5.50 21.38 -36.77
N ASN B 82 6.75 21.00 -37.03
CA ASN B 82 7.10 19.64 -37.35
C ASN B 82 7.99 19.15 -36.22
N PRO B 83 7.42 18.37 -35.31
CA PRO B 83 8.10 17.81 -34.14
C PRO B 83 9.49 17.23 -34.41
N LYS B 84 9.60 16.36 -35.41
CA LYS B 84 10.88 15.74 -35.73
C LYS B 84 11.97 16.78 -35.97
N ASP B 85 11.64 17.88 -36.64
CA ASP B 85 12.63 18.92 -36.90
C ASP B 85 12.93 19.68 -35.61
N LEU B 86 11.88 20.14 -34.93
CA LEU B 86 12.04 20.86 -33.69
C LEU B 86 12.93 20.08 -32.74
N ALA B 87 12.64 18.79 -32.58
CA ALA B 87 13.43 17.96 -31.68
C ALA B 87 14.89 18.18 -32.02
N VAL B 88 15.25 17.89 -33.27
CA VAL B 88 16.61 18.04 -33.76
C VAL B 88 17.17 19.42 -33.48
N GLN B 89 16.40 20.45 -33.84
CA GLN B 89 16.82 21.81 -33.63
C GLN B 89 17.09 22.06 -32.15
N TRP B 90 16.05 21.97 -31.33
CA TRP B 90 16.18 22.19 -29.90
C TRP B 90 17.23 21.28 -29.26
N ALA B 91 17.32 20.04 -29.72
CA ALA B 91 18.28 19.10 -29.17
C ALA B 91 19.73 19.49 -29.37
N GLU B 92 20.11 19.79 -30.61
CA GLU B 92 21.50 20.15 -30.94
C GLU B 92 21.95 21.45 -30.33
N LYS B 93 21.00 22.22 -29.82
CA LYS B 93 21.29 23.52 -29.22
C LYS B 93 21.16 23.49 -27.70
N PHE B 94 20.78 22.34 -27.16
CA PHE B 94 20.56 22.23 -25.73
C PHE B 94 21.80 22.20 -24.84
N PRO B 95 21.86 23.12 -23.86
CA PRO B 95 22.93 23.30 -22.87
C PRO B 95 22.96 22.17 -21.85
N CYS B 96 23.99 21.33 -21.89
CA CYS B 96 24.09 20.25 -20.93
C CYS B 96 24.62 20.69 -19.56
N GLY B 97 25.67 21.50 -19.55
CA GLY B 97 26.24 21.96 -18.29
C GLY B 97 26.69 20.75 -17.48
N ASP B 98 26.66 20.85 -16.16
CA ASP B 98 27.05 19.71 -15.33
C ASP B 98 25.86 18.81 -15.06
N PHE B 99 24.66 19.30 -15.36
CA PHE B 99 23.45 18.55 -15.13
C PHE B 99 23.26 17.36 -16.07
N LEU B 100 23.03 17.67 -17.34
CA LEU B 100 22.79 16.67 -18.35
C LEU B 100 24.05 16.08 -18.99
N GLU B 101 23.99 14.80 -19.34
CA GLU B 101 25.11 14.14 -19.98
C GLU B 101 24.98 14.33 -21.48
N LYS B 102 23.75 14.27 -21.97
CA LYS B 102 23.50 14.45 -23.39
C LYS B 102 22.01 14.58 -23.67
N VAL B 103 21.70 15.32 -24.72
CA VAL B 103 20.33 15.52 -25.14
C VAL B 103 20.34 15.03 -26.56
N GLU B 104 19.41 14.13 -26.89
CA GLU B 104 19.38 13.59 -28.24
C GLU B 104 17.97 13.56 -28.79
N ALA B 105 17.81 14.16 -29.96
CA ALA B 105 16.52 14.18 -30.62
C ALA B 105 16.26 12.76 -31.08
N ASN B 106 15.00 12.35 -31.10
CA ASN B 106 14.63 11.01 -31.52
C ASN B 106 13.17 11.06 -31.94
N GLY B 107 12.92 11.05 -33.24
CA GLY B 107 11.55 11.13 -33.70
C GLY B 107 10.99 12.44 -33.16
N PRO B 108 9.68 12.50 -32.84
CA PRO B 108 9.10 13.74 -32.32
C PRO B 108 9.43 13.94 -30.85
N PHE B 109 10.46 13.26 -30.36
CA PHE B 109 10.83 13.39 -28.96
C PHE B 109 12.23 13.95 -28.76
N ILE B 110 12.49 14.44 -27.55
CA ILE B 110 13.80 14.92 -27.14
C ILE B 110 14.12 14.21 -25.84
N GLN B 111 15.17 13.41 -25.85
CA GLN B 111 15.56 12.67 -24.64
C GLN B 111 16.61 13.43 -23.85
N PHE B 112 16.58 13.24 -22.53
CA PHE B 112 17.51 13.91 -21.64
C PHE B 112 18.22 12.88 -20.76
N PHE B 113 19.53 12.79 -20.89
CA PHE B 113 20.32 11.86 -20.09
C PHE B 113 21.06 12.59 -18.99
N PHE B 114 20.63 12.39 -17.74
CA PHE B 114 21.28 13.03 -16.60
C PHE B 114 22.76 12.66 -16.54
N ASN B 115 23.54 13.50 -15.87
CA ASN B 115 24.97 13.27 -15.68
C ASN B 115 25.07 12.46 -14.39
N PRO B 116 25.43 11.18 -14.51
CA PRO B 116 25.54 10.30 -13.33
C PRO B 116 26.41 10.88 -12.21
N GLN B 117 27.50 11.53 -12.59
CA GLN B 117 28.42 12.14 -11.63
C GLN B 117 27.70 13.19 -10.80
N PHE B 118 26.99 14.06 -11.52
CA PHE B 118 26.22 15.12 -10.89
C PHE B 118 25.22 14.49 -9.91
N LEU B 119 24.53 13.45 -10.37
CA LEU B 119 23.55 12.75 -9.54
C LEU B 119 24.23 12.18 -8.32
N ALA B 120 25.30 11.44 -8.57
CA ALA B 120 26.04 10.78 -7.51
C ALA B 120 26.36 11.71 -6.34
N LYS B 121 27.04 12.81 -6.66
CA LYS B 121 27.43 13.78 -5.65
C LYS B 121 26.28 14.31 -4.81
N LEU B 122 25.08 14.39 -5.38
CA LEU B 122 23.93 14.90 -4.63
C LEU B 122 23.07 13.82 -3.99
N VAL B 123 22.75 12.79 -4.77
CA VAL B 123 21.88 11.74 -4.26
C VAL B 123 22.46 10.86 -3.16
N ILE B 124 23.64 10.30 -3.37
CA ILE B 124 24.17 9.43 -2.34
C ILE B 124 24.23 10.12 -0.99
N PRO B 125 24.86 11.30 -0.91
CA PRO B 125 24.93 11.99 0.38
C PRO B 125 23.52 12.26 0.93
N ASP B 126 22.61 12.68 0.06
CA ASP B 126 21.25 12.95 0.49
C ASP B 126 20.65 11.68 1.09
N ILE B 127 20.86 10.56 0.41
CA ILE B 127 20.36 9.28 0.86
C ILE B 127 21.05 8.87 2.15
N LEU B 128 22.37 8.91 2.15
CA LEU B 128 23.16 8.55 3.31
C LEU B 128 22.89 9.44 4.53
N THR B 129 22.38 10.65 4.29
CA THR B 129 22.10 11.58 5.38
C THR B 129 20.66 11.54 5.92
N ARG B 130 19.66 11.51 5.05
CA ARG B 130 18.26 11.48 5.49
C ARG B 130 17.80 10.06 5.79
N LYS B 131 18.54 9.08 5.28
CA LYS B 131 18.22 7.68 5.49
C LYS B 131 16.74 7.34 5.34
N GLU B 132 16.12 6.87 6.42
CA GLU B 132 14.72 6.47 6.35
C GLU B 132 13.78 7.54 5.79
N ASP B 133 14.29 8.75 5.59
CA ASP B 133 13.44 9.80 5.05
C ASP B 133 13.74 10.16 3.61
N TYR B 134 14.64 9.41 2.97
CA TYR B 134 15.02 9.70 1.59
C TYR B 134 13.84 9.86 0.65
N GLY B 135 13.06 8.81 0.47
CA GLY B 135 11.94 8.94 -0.45
C GLY B 135 10.96 10.05 -0.09
N SER B 136 10.98 10.45 1.17
CA SER B 136 10.08 11.46 1.69
C SER B 136 9.93 12.75 0.88
N CYS B 137 8.82 13.42 1.13
CA CYS B 137 8.45 14.67 0.47
C CYS B 137 7.19 15.19 1.14
N LYS B 138 7.20 16.47 1.51
CA LYS B 138 6.05 17.09 2.16
C LYS B 138 5.01 17.57 1.15
N LEU B 139 4.12 16.66 0.75
CA LEU B 139 3.08 16.96 -0.24
C LEU B 139 1.82 17.57 0.37
N VAL B 140 1.68 17.49 1.68
CA VAL B 140 0.49 18.04 2.32
C VAL B 140 0.77 18.83 3.60
N GLU B 141 0.01 19.91 3.73
CA GLU B 141 0.09 20.87 4.83
C GLU B 141 -0.94 20.60 5.93
N ASN B 142 -0.53 19.95 7.01
CA ASN B 142 -1.46 19.68 8.11
C ASN B 142 -2.75 19.04 7.60
N LYS B 143 -2.67 17.77 7.22
CA LYS B 143 -3.85 17.07 6.74
C LYS B 143 -3.95 15.75 7.50
N LYS B 144 -5.18 15.35 7.78
CA LYS B 144 -5.41 14.12 8.50
C LYS B 144 -6.21 13.16 7.63
N VAL B 145 -5.80 11.90 7.63
CA VAL B 145 -6.49 10.91 6.85
C VAL B 145 -6.81 9.67 7.67
N ILE B 146 -8.01 9.14 7.44
CA ILE B 146 -8.45 7.95 8.12
C ILE B 146 -8.48 6.85 7.08
N ILE B 147 -7.71 5.78 7.34
CA ILE B 147 -7.67 4.64 6.44
C ILE B 147 -8.25 3.44 7.17
N GLU B 148 -9.40 2.98 6.68
CA GLU B 148 -10.07 1.83 7.27
C GLU B 148 -9.67 0.62 6.43
N PHE B 149 -8.96 -0.33 7.04
CA PHE B 149 -8.55 -1.52 6.31
C PHE B 149 -8.66 -2.84 7.06
N SER B 150 -8.83 -3.90 6.27
CA SER B 150 -9.01 -5.27 6.75
C SER B 150 -10.46 -5.40 7.19
N SER B 151 -10.80 -4.74 8.30
CA SER B 151 -12.15 -4.74 8.85
C SER B 151 -12.86 -6.06 8.60
N PRO B 152 -12.31 -7.16 9.16
CA PRO B 152 -12.90 -8.49 8.98
C PRO B 152 -14.09 -8.77 9.88
N ASN B 153 -14.79 -9.86 9.57
CA ASN B 153 -15.93 -10.31 10.36
C ASN B 153 -15.32 -11.27 11.37
N ILE B 154 -15.19 -10.83 12.62
CA ILE B 154 -14.57 -11.67 13.63
C ILE B 154 -15.23 -13.04 13.85
N ALA B 155 -16.38 -13.27 13.23
CA ALA B 155 -17.08 -14.55 13.41
C ALA B 155 -16.74 -15.56 12.32
N LYS B 156 -15.85 -15.19 11.41
CA LYS B 156 -15.47 -16.08 10.31
C LYS B 156 -13.95 -16.18 10.18
N PRO B 157 -13.44 -17.36 9.76
CA PRO B 157 -12.01 -17.60 9.60
C PRO B 157 -11.29 -16.50 8.84
N PHE B 158 -10.16 -16.08 9.40
CA PHE B 158 -9.32 -15.04 8.79
C PHE B 158 -8.38 -15.83 7.86
N HIS B 159 -8.80 -16.00 6.60
CA HIS B 159 -8.01 -16.77 5.66
C HIS B 159 -7.10 -15.94 4.73
N ALA B 160 -6.36 -16.65 3.88
CA ALA B 160 -5.44 -16.01 2.95
C ALA B 160 -6.07 -14.82 2.23
N GLY B 161 -7.36 -14.93 1.93
CA GLY B 161 -8.05 -13.87 1.23
C GLY B 161 -8.04 -12.53 1.94
N HIS B 162 -8.01 -12.54 3.27
CA HIS B 162 -8.00 -11.30 4.02
C HIS B 162 -6.62 -10.68 4.18
N LEU B 163 -5.64 -11.29 3.50
CA LEU B 163 -4.27 -10.80 3.53
C LEU B 163 -4.23 -9.48 2.76
N ARG B 164 -5.03 -9.43 1.69
CA ARG B 164 -5.12 -8.26 0.80
C ARG B 164 -5.50 -6.93 1.43
N SER B 165 -6.75 -6.82 1.89
CA SER B 165 -7.18 -5.56 2.48
C SER B 165 -6.26 -5.10 3.60
N THR B 166 -5.58 -6.06 4.22
CA THR B 166 -4.69 -5.79 5.33
C THR B 166 -3.39 -5.12 4.86
N ILE B 167 -2.56 -5.86 4.12
CA ILE B 167 -1.32 -5.28 3.68
C ILE B 167 -1.46 -4.05 2.76
N ILE B 168 -2.50 -4.02 1.93
CA ILE B 168 -2.71 -2.86 1.07
C ILE B 168 -2.91 -1.64 1.98
N GLY B 169 -3.82 -1.78 2.93
CA GLY B 169 -4.10 -0.68 3.86
C GLY B 169 -2.88 -0.33 4.68
N GLY B 170 -2.08 -1.33 5.02
CA GLY B 170 -0.88 -1.06 5.79
C GLY B 170 0.03 -0.19 4.95
N PHE B 171 0.13 -0.54 3.66
CA PHE B 171 0.95 0.20 2.71
C PHE B 171 0.52 1.66 2.59
N LEU B 172 -0.74 1.87 2.25
CA LEU B 172 -1.23 3.24 2.08
C LEU B 172 -0.96 4.06 3.32
N ALA B 173 -1.09 3.42 4.48
CA ALA B 173 -0.84 4.11 5.74
C ALA B 173 0.59 4.62 5.79
N ASN B 174 1.56 3.73 5.58
CA ASN B 174 2.96 4.12 5.63
C ASN B 174 3.30 5.13 4.54
N LEU B 175 2.73 4.94 3.36
CA LEU B 175 2.99 5.82 2.23
C LEU B 175 2.51 7.24 2.56
N TYR B 176 1.28 7.33 3.07
CA TYR B 176 0.73 8.63 3.38
C TYR B 176 1.53 9.37 4.43
N GLU B 177 2.03 8.64 5.43
CA GLU B 177 2.82 9.25 6.48
C GLU B 177 4.09 9.83 5.86
N LYS B 178 4.77 9.05 5.02
CA LYS B 178 6.00 9.50 4.38
C LYS B 178 5.82 10.75 3.55
N LEU B 179 4.60 11.03 3.12
CA LEU B 179 4.35 12.21 2.31
C LEU B 179 3.69 13.36 3.07
N GLY B 180 3.76 13.29 4.40
CA GLY B 180 3.23 14.36 5.24
C GLY B 180 1.82 14.32 5.79
N TRP B 181 1.23 13.14 5.91
CA TRP B 181 -0.13 13.06 6.44
C TRP B 181 -0.14 12.52 7.87
N GLU B 182 -1.23 12.80 8.57
CA GLU B 182 -1.39 12.24 9.91
C GLU B 182 -2.30 11.10 9.54
N VAL B 183 -2.03 9.90 10.02
CA VAL B 183 -2.86 8.78 9.62
C VAL B 183 -3.50 8.04 10.78
N ILE B 184 -4.80 7.80 10.65
CA ILE B 184 -5.52 7.04 11.67
C ILE B 184 -5.75 5.66 11.05
N ARG B 185 -5.11 4.64 11.62
CA ARG B 185 -5.28 3.30 11.10
C ARG B 185 -6.48 2.70 11.83
N MET B 186 -7.59 2.59 11.13
CA MET B 186 -8.81 2.06 11.74
C MET B 186 -9.29 0.72 11.21
N ASN B 187 -9.49 -0.22 12.12
CA ASN B 187 -10.01 -1.53 11.75
C ASN B 187 -11.50 -1.52 12.12
N TYR B 188 -12.36 -1.48 11.11
CA TYR B 188 -13.81 -1.45 11.34
C TYR B 188 -14.34 -2.88 11.43
N LEU B 189 -14.17 -3.50 12.58
CA LEU B 189 -14.58 -4.87 12.84
C LEU B 189 -16.04 -5.23 12.60
N GLY B 190 -16.27 -6.23 11.75
CA GLY B 190 -17.61 -6.71 11.47
C GLY B 190 -17.92 -7.61 12.66
N ASP B 191 -18.47 -7.00 13.70
CA ASP B 191 -18.74 -7.70 14.95
C ASP B 191 -20.15 -7.53 15.48
N TRP B 192 -21.14 -7.31 14.63
CA TRP B 192 -22.48 -7.12 15.16
C TRP B 192 -23.59 -7.59 14.23
N GLY B 193 -23.89 -8.88 14.25
CA GLY B 193 -24.94 -9.41 13.38
C GLY B 193 -25.18 -10.91 13.35
N LYS B 194 -26.14 -11.32 12.53
CA LYS B 194 -26.52 -12.72 12.38
C LYS B 194 -25.32 -13.66 12.34
N GLN B 195 -24.25 -13.23 11.68
CA GLN B 195 -23.05 -14.03 11.55
C GLN B 195 -22.50 -14.46 12.91
N PHE B 196 -22.34 -13.51 13.82
CA PHE B 196 -21.85 -13.85 15.15
C PHE B 196 -22.90 -14.72 15.81
N GLY B 197 -24.17 -14.40 15.56
CA GLY B 197 -25.25 -15.16 16.12
C GLY B 197 -25.03 -16.62 15.77
N LEU B 198 -24.75 -16.87 14.50
CA LEU B 198 -24.52 -18.22 14.02
C LEU B 198 -23.39 -18.89 14.78
N LEU B 199 -22.35 -18.12 15.08
CA LEU B 199 -21.22 -18.69 15.80
C LEU B 199 -21.59 -19.01 17.24
N ALA B 200 -22.38 -18.13 17.86
CA ALA B 200 -22.83 -18.32 19.24
C ALA B 200 -23.69 -19.57 19.32
N VAL B 201 -24.73 -19.60 18.50
CA VAL B 201 -25.63 -20.75 18.44
C VAL B 201 -24.78 -21.99 18.24
N GLY B 202 -23.89 -21.92 17.26
CA GLY B 202 -23.02 -23.04 16.97
C GLY B 202 -22.23 -23.50 18.17
N PHE B 203 -21.91 -22.60 19.08
CA PHE B 203 -21.13 -22.98 20.25
C PHE B 203 -21.97 -23.77 21.25
N GLU B 204 -23.29 -23.53 21.23
CA GLU B 204 -24.19 -24.25 22.13
C GLU B 204 -24.30 -25.67 21.59
N ARG B 205 -24.49 -25.77 20.28
CA ARG B 205 -24.63 -27.05 19.60
C ARG B 205 -23.40 -27.93 19.67
N TYR B 206 -22.22 -27.38 19.37
CA TYR B 206 -21.00 -28.19 19.36
C TYR B 206 -19.90 -27.73 20.30
N GLY B 207 -20.03 -26.52 20.83
CA GLY B 207 -19.00 -25.99 21.71
C GLY B 207 -18.72 -26.80 22.97
N ASN B 208 -17.48 -26.73 23.44
CA ASN B 208 -17.06 -27.44 24.64
C ASN B 208 -16.06 -26.62 25.46
N GLU B 209 -16.58 -25.85 26.41
CA GLU B 209 -15.77 -24.97 27.26
C GLU B 209 -14.32 -25.35 27.54
N GLU B 210 -14.01 -26.63 27.69
CA GLU B 210 -12.62 -27.00 27.97
C GLU B 210 -11.77 -27.07 26.71
N ALA B 211 -12.33 -27.63 25.65
CA ALA B 211 -11.62 -27.72 24.37
C ALA B 211 -11.31 -26.31 23.89
N LEU B 212 -12.20 -25.38 24.22
CA LEU B 212 -12.05 -23.99 23.85
C LEU B 212 -10.74 -23.48 24.43
N VAL B 213 -10.43 -23.88 25.65
CA VAL B 213 -9.20 -23.45 26.29
C VAL B 213 -7.95 -24.10 25.67
N LYS B 214 -8.03 -25.38 25.33
CA LYS B 214 -6.90 -26.08 24.72
C LYS B 214 -6.36 -25.28 23.54
N ASP B 215 -7.26 -24.92 22.63
CA ASP B 215 -6.93 -24.09 21.47
C ASP B 215 -8.23 -23.49 20.98
N PRO B 216 -8.54 -22.28 21.47
CA PRO B 216 -9.76 -21.57 21.10
C PRO B 216 -10.05 -21.65 19.63
N ILE B 217 -9.07 -21.24 18.83
CA ILE B 217 -9.21 -21.21 17.39
C ILE B 217 -9.49 -22.56 16.71
N HIS B 218 -8.71 -23.60 17.01
CA HIS B 218 -8.98 -24.89 16.37
C HIS B 218 -10.41 -25.32 16.68
N HIS B 219 -10.79 -25.25 17.95
CA HIS B 219 -12.12 -25.63 18.40
C HIS B 219 -13.18 -24.75 17.77
N LEU B 220 -13.00 -23.45 17.87
CA LEU B 220 -13.96 -22.50 17.31
C LEU B 220 -14.15 -22.75 15.81
N PHE B 221 -13.07 -23.05 15.11
CA PHE B 221 -13.17 -23.31 13.68
C PHE B 221 -14.00 -24.58 13.48
N ASP B 222 -13.74 -25.58 14.31
CA ASP B 222 -14.50 -26.81 14.20
C ASP B 222 -15.96 -26.45 14.40
N VAL B 223 -16.23 -25.55 15.33
CA VAL B 223 -17.58 -25.10 15.61
C VAL B 223 -18.15 -24.46 14.36
N TYR B 224 -17.45 -23.44 13.86
CA TYR B 224 -17.87 -22.72 12.66
C TYR B 224 -18.22 -23.70 11.55
N VAL B 225 -17.31 -24.62 11.28
CA VAL B 225 -17.49 -25.63 10.23
C VAL B 225 -18.78 -26.43 10.35
N ARG B 226 -18.97 -27.06 11.51
CA ARG B 226 -20.16 -27.87 11.78
C ARG B 226 -21.46 -27.09 11.69
N ILE B 227 -21.56 -26.04 12.51
CA ILE B 227 -22.76 -25.23 12.52
C ILE B 227 -23.12 -24.78 11.11
N ASN B 228 -22.10 -24.58 10.28
CA ASN B 228 -22.34 -24.15 8.90
C ASN B 228 -22.83 -25.31 8.04
N LYS B 229 -22.49 -26.53 8.43
CA LYS B 229 -22.96 -27.67 7.65
C LYS B 229 -24.45 -27.79 7.89
N ASP B 230 -24.89 -27.39 9.08
CA ASP B 230 -26.31 -27.46 9.41
C ASP B 230 -27.12 -26.58 8.49
N ILE B 231 -26.81 -25.28 8.47
CA ILE B 231 -27.53 -24.34 7.62
C ILE B 231 -27.61 -24.87 6.18
N GLU B 232 -26.53 -25.47 5.72
CA GLU B 232 -26.46 -26.02 4.38
C GLU B 232 -27.33 -27.27 4.23
N GLU B 233 -27.09 -28.25 5.10
CA GLU B 233 -27.84 -29.51 5.06
C GLU B 233 -29.34 -29.34 5.17
N GLU B 234 -29.80 -28.51 6.09
CA GLU B 234 -31.23 -28.31 6.29
C GLU B 234 -31.83 -27.21 5.43
N GLY B 235 -31.13 -26.83 4.36
CA GLY B 235 -31.59 -25.79 3.45
C GLY B 235 -32.90 -25.06 3.75
N ASP B 236 -33.97 -25.42 3.04
CA ASP B 236 -35.26 -24.77 3.20
C ASP B 236 -36.30 -25.57 3.99
N SER B 237 -35.85 -26.63 4.66
CA SER B 237 -36.77 -27.47 5.42
C SER B 237 -37.31 -26.84 6.71
N ILE B 238 -36.64 -27.12 7.83
CA ILE B 238 -37.06 -26.60 9.13
C ILE B 238 -37.55 -25.17 9.10
N PRO B 239 -38.77 -24.93 9.59
CA PRO B 239 -39.38 -23.59 9.63
C PRO B 239 -38.53 -22.66 10.49
N LEU B 240 -38.23 -21.50 9.92
CA LEU B 240 -37.42 -20.46 10.55
C LEU B 240 -37.22 -20.58 12.07
N GLU B 241 -38.25 -20.23 12.84
CA GLU B 241 -38.17 -20.28 14.29
C GLU B 241 -37.41 -21.51 14.80
N GLN B 242 -37.60 -22.64 14.14
CA GLN B 242 -36.96 -23.88 14.56
C GLN B 242 -35.69 -24.24 13.78
N SER B 243 -35.41 -23.54 12.69
CA SER B 243 -34.21 -23.82 11.90
C SER B 243 -32.97 -23.22 12.56
N THR B 244 -31.80 -23.65 12.09
CA THR B 244 -30.55 -23.14 12.64
C THR B 244 -30.37 -21.68 12.27
N ASN B 245 -30.53 -21.38 10.98
CA ASN B 245 -30.39 -20.01 10.52
C ASN B 245 -31.22 -19.06 11.37
N GLY B 246 -32.53 -19.30 11.40
CA GLY B 246 -33.41 -18.45 12.18
C GLY B 246 -32.97 -18.37 13.63
N LYS B 247 -32.49 -19.49 14.16
CA LYS B 247 -32.03 -19.56 15.54
C LYS B 247 -30.84 -18.61 15.70
N ALA B 248 -30.09 -18.44 14.62
CA ALA B 248 -28.93 -17.54 14.63
C ALA B 248 -29.44 -16.10 14.62
N ARG B 249 -30.38 -15.81 13.72
CA ARG B 249 -30.97 -14.48 13.63
C ARG B 249 -31.53 -14.13 15.00
N GLU B 250 -32.11 -15.13 15.65
CA GLU B 250 -32.68 -14.95 16.97
C GLU B 250 -31.61 -14.46 17.94
N TYR B 251 -30.50 -15.20 18.01
CA TYR B 251 -29.43 -14.83 18.93
C TYR B 251 -29.03 -13.37 18.78
N PHE B 252 -28.99 -12.90 17.53
CA PHE B 252 -28.63 -11.52 17.27
C PHE B 252 -29.74 -10.61 17.82
N LYS B 253 -30.99 -11.07 17.71
CA LYS B 253 -32.10 -10.30 18.24
C LYS B 253 -31.84 -10.10 19.72
N ARG B 254 -31.64 -11.20 20.45
CA ARG B 254 -31.36 -11.14 21.87
C ARG B 254 -30.29 -10.08 22.22
N MET B 255 -29.29 -9.93 21.36
CA MET B 255 -28.21 -8.96 21.59
C MET B 255 -28.68 -7.54 21.30
N GLU B 256 -29.10 -7.33 20.05
CA GLU B 256 -29.58 -6.04 19.61
C GLU B 256 -30.79 -5.65 20.46
N ASP B 257 -31.32 -6.65 21.18
CA ASP B 257 -32.48 -6.44 22.03
C ASP B 257 -32.06 -5.94 23.40
N GLY B 258 -31.04 -6.59 23.97
CA GLY B 258 -30.54 -6.19 25.27
C GLY B 258 -30.07 -7.33 26.14
N ASP B 259 -30.53 -8.54 25.84
CA ASP B 259 -30.19 -9.74 26.60
C ASP B 259 -28.81 -9.70 27.24
N GLU B 260 -28.75 -9.24 28.49
CA GLU B 260 -27.49 -9.12 29.23
C GLU B 260 -26.71 -10.43 29.24
N GLU B 261 -27.40 -11.53 28.94
CA GLU B 261 -26.78 -12.85 28.93
C GLU B 261 -25.96 -13.02 27.65
N ALA B 262 -26.51 -12.56 26.53
CA ALA B 262 -25.83 -12.67 25.24
C ALA B 262 -24.71 -11.64 25.16
N LEU B 263 -25.01 -10.40 25.54
CA LEU B 263 -24.01 -9.35 25.49
C LEU B 263 -22.81 -9.65 26.36
N LYS B 264 -22.80 -10.81 27.01
CA LYS B 264 -21.68 -11.19 27.85
C LYS B 264 -20.80 -12.19 27.12
N ILE B 265 -21.44 -13.18 26.50
CA ILE B 265 -20.72 -14.20 25.75
C ILE B 265 -20.11 -13.50 24.53
N TRP B 266 -20.79 -12.45 24.07
CA TRP B 266 -20.33 -11.67 22.93
C TRP B 266 -19.09 -10.88 23.31
N LYS B 267 -19.22 -10.01 24.31
CA LYS B 267 -18.09 -9.21 24.75
C LYS B 267 -16.88 -10.10 25.05
N ARG B 268 -17.12 -11.31 25.54
CA ARG B 268 -16.03 -12.23 25.85
C ARG B 268 -15.28 -12.55 24.55
N PHE B 269 -16.05 -12.90 23.52
CA PHE B 269 -15.50 -13.23 22.23
C PHE B 269 -14.79 -11.99 21.67
N ARG B 270 -15.53 -10.88 21.62
CA ARG B 270 -15.03 -9.59 21.13
C ARG B 270 -13.64 -9.23 21.64
N GLU B 271 -13.45 -9.31 22.96
CA GLU B 271 -12.16 -8.98 23.57
C GLU B 271 -11.08 -9.95 23.10
N PHE B 272 -11.40 -11.23 23.17
CA PHE B 272 -10.48 -12.30 22.77
C PHE B 272 -10.05 -12.15 21.32
N SER B 273 -11.03 -12.07 20.41
CA SER B 273 -10.71 -11.94 19.00
C SER B 273 -9.78 -10.75 18.75
N ILE B 274 -10.11 -9.59 19.31
CA ILE B 274 -9.25 -8.43 19.12
C ILE B 274 -7.82 -8.71 19.57
N GLU B 275 -7.67 -9.50 20.64
CA GLU B 275 -6.33 -9.82 21.13
C GLU B 275 -5.61 -10.69 20.10
N LYS B 276 -6.32 -11.69 19.59
CA LYS B 276 -5.76 -12.60 18.60
C LYS B 276 -5.35 -11.82 17.35
N TYR B 277 -6.17 -10.84 16.99
CA TYR B 277 -5.92 -9.99 15.82
C TYR B 277 -4.70 -9.09 16.01
N ILE B 278 -4.61 -8.45 17.17
CA ILE B 278 -3.50 -7.55 17.45
C ILE B 278 -2.14 -8.21 17.16
N ASP B 279 -2.04 -9.50 17.47
CA ASP B 279 -0.80 -10.21 17.21
C ASP B 279 -0.57 -10.39 15.71
N THR B 280 -1.60 -10.85 15.02
CA THR B 280 -1.51 -11.09 13.57
C THR B 280 -1.12 -9.84 12.81
N TYR B 281 -1.82 -8.75 13.07
CA TYR B 281 -1.52 -7.50 12.38
C TYR B 281 -0.09 -7.06 12.70
N ALA B 282 0.32 -7.27 13.94
CA ALA B 282 1.67 -6.91 14.34
C ALA B 282 2.67 -7.76 13.58
N ARG B 283 2.34 -9.02 13.37
CA ARG B 283 3.24 -9.92 12.65
C ARG B 283 3.39 -9.42 11.22
N LEU B 284 2.53 -8.48 10.84
CA LEU B 284 2.57 -7.89 9.51
C LEU B 284 2.86 -6.41 9.64
N ASN B 285 3.59 -6.07 10.70
CA ASN B 285 4.00 -4.71 10.99
C ASN B 285 2.89 -3.69 10.95
N ILE B 286 1.72 -4.07 11.46
CA ILE B 286 0.59 -3.16 11.48
C ILE B 286 0.05 -2.97 12.90
N LYS B 287 -0.18 -1.73 13.28
CA LYS B 287 -0.74 -1.42 14.60
C LYS B 287 -1.90 -0.45 14.41
N TYR B 288 -3.11 -0.93 14.63
CA TYR B 288 -4.28 -0.07 14.48
C TYR B 288 -4.37 0.94 15.61
N ASP B 289 -4.90 2.11 15.29
CA ASP B 289 -5.10 3.17 16.27
C ASP B 289 -6.40 2.90 17.03
N VAL B 290 -7.43 2.47 16.30
CA VAL B 290 -8.71 2.17 16.91
C VAL B 290 -9.38 0.97 16.25
N TYR B 291 -9.86 0.04 17.07
CA TYR B 291 -10.56 -1.13 16.56
C TYR B 291 -12.06 -0.85 16.64
N SER B 292 -12.60 -0.12 15.67
CA SER B 292 -14.02 0.19 15.67
C SER B 292 -14.82 -1.05 15.26
N GLY B 293 -16.03 -0.85 14.74
CA GLY B 293 -16.85 -1.98 14.34
C GLY B 293 -18.33 -1.66 14.21
N GLU B 294 -19.03 -2.43 13.37
CA GLU B 294 -20.46 -2.23 13.15
C GLU B 294 -21.16 -1.93 14.46
N SER B 295 -20.69 -2.54 15.55
CA SER B 295 -21.31 -2.34 16.84
C SER B 295 -21.13 -0.90 17.32
N GLN B 296 -19.92 -0.37 17.16
CA GLN B 296 -19.60 0.97 17.59
C GLN B 296 -20.49 2.09 17.04
N VAL B 297 -21.34 1.78 16.05
CA VAL B 297 -22.23 2.81 15.52
C VAL B 297 -23.64 2.59 16.08
N SER B 298 -24.01 3.51 16.97
CA SER B 298 -25.30 3.50 17.67
C SER B 298 -26.54 3.65 16.80
N LYS B 299 -27.71 3.38 17.39
CA LYS B 299 -28.98 3.51 16.69
C LYS B 299 -29.30 5.00 16.65
N GLU B 300 -28.60 5.74 17.51
CA GLU B 300 -28.78 7.19 17.57
C GLU B 300 -28.22 7.72 16.26
N SER B 301 -26.93 7.44 16.04
CA SER B 301 -26.22 7.88 14.85
C SER B 301 -26.89 7.34 13.60
N MET B 302 -27.36 6.09 13.69
CA MET B 302 -28.02 5.47 12.55
C MET B 302 -29.33 6.15 12.20
N LEU B 303 -30.20 6.32 13.20
CA LEU B 303 -31.49 6.95 12.97
C LEU B 303 -31.33 8.43 12.60
N LYS B 304 -30.37 9.11 13.23
CA LYS B 304 -30.15 10.51 12.91
C LYS B 304 -29.89 10.60 11.41
N ALA B 305 -29.28 9.56 10.87
CA ALA B 305 -28.97 9.49 9.44
C ALA B 305 -30.25 9.27 8.66
N ILE B 306 -31.09 8.36 9.15
CA ILE B 306 -32.36 8.06 8.50
C ILE B 306 -33.10 9.37 8.28
N ASP B 307 -33.23 10.16 9.34
CA ASP B 307 -33.94 11.43 9.25
C ASP B 307 -33.32 12.34 8.21
N LEU B 308 -32.00 12.30 8.10
CA LEU B 308 -31.30 13.12 7.11
C LEU B 308 -31.68 12.71 5.69
N PHE B 309 -31.87 11.40 5.48
CA PHE B 309 -32.23 10.91 4.15
C PHE B 309 -33.56 11.52 3.76
N LYS B 310 -34.49 11.55 4.72
CA LYS B 310 -35.82 12.10 4.49
C LYS B 310 -35.72 13.62 4.46
N GLU B 311 -35.02 14.17 5.44
CA GLU B 311 -34.84 15.61 5.55
C GLU B 311 -34.37 16.22 4.24
N LYS B 312 -33.72 15.39 3.42
CA LYS B 312 -33.20 15.82 2.12
C LYS B 312 -34.04 15.28 0.97
N GLY B 313 -35.10 14.55 1.30
CA GLY B 313 -35.95 13.98 0.27
C GLY B 313 -35.19 13.00 -0.60
N LEU B 314 -34.56 12.01 0.03
CA LEU B 314 -33.80 10.99 -0.69
C LEU B 314 -34.48 9.64 -0.59
N THR B 315 -35.38 9.49 0.38
CA THR B 315 -36.07 8.23 0.58
C THR B 315 -37.53 8.26 0.14
N HIS B 316 -38.07 7.06 -0.12
CA HIS B 316 -39.45 6.91 -0.50
C HIS B 316 -40.01 5.69 0.22
N GLU B 317 -41.29 5.71 0.54
CA GLU B 317 -41.91 4.60 1.27
C GLU B 317 -42.29 3.45 0.34
N ASP B 318 -42.02 2.24 0.81
CA ASP B 318 -42.37 1.04 0.04
C ASP B 318 -42.85 -0.02 1.02
N LYS B 319 -44.17 -0.16 1.11
CA LYS B 319 -44.79 -1.11 2.01
C LYS B 319 -44.08 -1.14 3.37
N GLY B 320 -43.90 0.05 3.95
CA GLY B 320 -43.28 0.17 5.25
C GLY B 320 -41.76 0.21 5.32
N ALA B 321 -41.11 0.01 4.18
CA ALA B 321 -39.65 0.00 4.16
C ALA B 321 -39.11 1.31 3.60
N VAL B 322 -38.04 1.82 4.20
CA VAL B 322 -37.43 3.05 3.74
C VAL B 322 -36.41 2.72 2.65
N LEU B 323 -36.60 3.29 1.47
CA LEU B 323 -35.71 3.05 0.34
C LEU B 323 -35.13 4.32 -0.24
N ILE B 324 -34.12 4.17 -1.08
CA ILE B 324 -33.49 5.29 -1.75
C ILE B 324 -33.17 4.91 -3.17
N ASP B 325 -33.87 5.52 -4.12
CA ASP B 325 -33.64 5.25 -5.53
C ASP B 325 -32.59 6.23 -6.04
N LEU B 326 -31.36 5.77 -6.14
CA LEU B 326 -30.26 6.60 -6.59
C LEU B 326 -30.24 6.81 -8.10
N THR B 327 -31.22 6.22 -8.80
CA THR B 327 -31.31 6.35 -10.25
C THR B 327 -31.18 7.81 -10.69
N LYS B 328 -31.98 8.68 -10.09
CA LYS B 328 -31.94 10.10 -10.42
C LYS B 328 -30.51 10.53 -10.70
N PHE B 329 -29.62 10.17 -9.79
CA PHE B 329 -28.21 10.51 -9.85
C PHE B 329 -27.38 9.60 -10.76
N ASN B 330 -27.72 8.32 -10.80
CA ASN B 330 -26.97 7.38 -11.63
C ASN B 330 -27.74 6.10 -11.89
N LYS B 331 -28.10 5.88 -13.15
CA LYS B 331 -28.85 4.70 -13.54
C LYS B 331 -28.27 3.40 -12.97
N LYS B 332 -26.95 3.29 -12.98
CA LYS B 332 -26.26 2.09 -12.49
C LYS B 332 -26.38 1.87 -10.98
N LEU B 333 -26.62 2.92 -10.23
CA LEU B 333 -26.72 2.81 -8.78
C LEU B 333 -27.99 2.11 -8.27
N GLY B 334 -29.11 2.34 -8.96
CA GLY B 334 -30.37 1.70 -8.55
C GLY B 334 -31.01 2.15 -7.24
N LYS B 335 -31.80 1.24 -6.66
CA LYS B 335 -32.51 1.47 -5.40
C LYS B 335 -31.81 0.74 -4.27
N ALA B 336 -31.85 1.30 -3.07
CA ALA B 336 -31.19 0.70 -1.92
C ALA B 336 -32.07 0.73 -0.68
N ILE B 337 -32.21 -0.42 -0.02
CA ILE B 337 -33.02 -0.50 1.19
C ILE B 337 -32.19 0.04 2.36
N VAL B 338 -32.69 1.07 3.03
CA VAL B 338 -31.98 1.69 4.15
C VAL B 338 -32.58 1.32 5.50
N GLN B 339 -33.85 0.93 5.48
CA GLN B 339 -34.56 0.54 6.69
C GLN B 339 -35.75 -0.31 6.27
N LYS B 340 -35.93 -1.44 6.93
CA LYS B 340 -37.03 -2.33 6.59
C LYS B 340 -38.23 -2.19 7.51
N SER B 341 -39.38 -2.64 7.01
CA SER B 341 -40.65 -2.59 7.73
C SER B 341 -40.57 -2.72 9.25
N ASP B 342 -39.88 -3.75 9.73
CA ASP B 342 -39.75 -3.97 11.17
C ASP B 342 -39.04 -2.85 11.92
N GLY B 343 -38.50 -1.88 11.19
CA GLY B 343 -37.82 -0.77 11.82
C GLY B 343 -36.31 -0.86 11.80
N THR B 344 -35.79 -2.08 11.66
CA THR B 344 -34.35 -2.31 11.62
C THR B 344 -33.66 -1.55 10.50
N THR B 345 -32.71 -0.70 10.87
CA THR B 345 -31.94 0.06 9.90
C THR B 345 -30.90 -0.89 9.34
N LEU B 346 -30.70 -0.86 8.02
CA LEU B 346 -29.74 -1.76 7.39
C LEU B 346 -28.34 -1.20 7.34
N TYR B 347 -27.40 -2.08 7.00
CA TYR B 347 -25.99 -1.74 6.93
C TYR B 347 -25.62 -0.52 6.10
N LEU B 348 -26.38 -0.23 5.06
CA LEU B 348 -26.04 0.95 4.27
C LEU B 348 -26.19 2.17 5.18
N THR B 349 -27.22 2.15 6.03
CA THR B 349 -27.47 3.23 6.97
C THR B 349 -26.43 3.28 8.08
N ARG B 350 -25.96 2.11 8.52
CA ARG B 350 -24.96 2.04 9.58
C ARG B 350 -23.63 2.64 9.12
N ASP B 351 -23.30 2.40 7.86
CA ASP B 351 -22.08 2.92 7.29
C ASP B 351 -22.12 4.44 7.29
N VAL B 352 -23.28 4.99 6.91
CA VAL B 352 -23.44 6.44 6.89
C VAL B 352 -23.32 6.98 8.32
N GLY B 353 -23.82 6.21 9.28
CA GLY B 353 -23.72 6.64 10.66
C GLY B 353 -22.24 6.69 10.97
N ALA B 354 -21.60 5.54 10.87
CA ALA B 354 -20.19 5.42 11.13
C ALA B 354 -19.43 6.60 10.51
N ALA B 355 -19.68 6.85 9.24
CA ALA B 355 -19.02 7.95 8.53
C ALA B 355 -19.18 9.26 9.31
N MET B 356 -20.41 9.73 9.43
CA MET B 356 -20.70 10.95 10.16
C MET B 356 -20.02 10.94 11.52
N ASP B 357 -20.13 9.83 12.23
CA ASP B 357 -19.50 9.74 13.55
C ASP B 357 -18.03 10.06 13.47
N ARG B 358 -17.37 9.51 12.44
CA ARG B 358 -15.93 9.72 12.25
C ARG B 358 -15.59 11.16 11.94
N TYR B 359 -16.38 11.77 11.06
CA TYR B 359 -16.11 13.15 10.70
C TYR B 359 -16.22 14.03 11.93
N GLU B 360 -17.15 13.69 12.81
CA GLU B 360 -17.35 14.46 14.00
C GLU B 360 -16.13 14.31 14.92
N LYS B 361 -15.75 13.06 15.19
CA LYS B 361 -14.62 12.80 16.06
C LYS B 361 -13.22 13.14 15.53
N TYR B 362 -13.04 13.09 14.21
CA TYR B 362 -11.71 13.38 13.67
C TYR B 362 -11.60 14.60 12.79
N HIS B 363 -12.68 14.98 12.12
CA HIS B 363 -12.64 16.14 11.24
C HIS B 363 -11.53 15.95 10.22
N PHE B 364 -11.44 14.73 9.71
CA PHE B 364 -10.45 14.33 8.73
C PHE B 364 -10.53 15.13 7.44
N ASP B 365 -9.39 15.20 6.74
CA ASP B 365 -9.32 15.91 5.47
C ASP B 365 -9.56 14.92 4.33
N LYS B 366 -9.48 13.64 4.67
CA LYS B 366 -9.69 12.58 3.70
C LYS B 366 -9.83 11.23 4.39
N MET B 367 -10.70 10.38 3.86
CA MET B 367 -10.91 9.06 4.43
C MET B 367 -10.85 8.03 3.31
N ILE B 368 -9.99 7.03 3.47
CA ILE B 368 -9.84 6.00 2.46
C ILE B 368 -10.43 4.68 2.92
N TYR B 369 -11.30 4.12 2.09
CA TYR B 369 -11.94 2.86 2.39
C TYR B 369 -11.27 1.76 1.58
N VAL B 370 -10.50 0.90 2.25
CA VAL B 370 -9.83 -0.19 1.56
C VAL B 370 -10.71 -1.43 1.57
N ILE B 371 -11.64 -1.50 0.63
CA ILE B 371 -12.55 -2.62 0.54
C ILE B 371 -12.27 -3.43 -0.71
N ALA B 372 -12.98 -4.55 -0.86
CA ALA B 372 -12.80 -5.42 -2.00
C ALA B 372 -13.74 -5.02 -3.13
N SER B 373 -13.30 -5.29 -4.37
CA SER B 373 -14.07 -4.98 -5.57
C SER B 373 -15.49 -5.52 -5.51
N GLN B 374 -15.71 -6.52 -4.67
CA GLN B 374 -17.04 -7.09 -4.58
C GLN B 374 -18.01 -6.17 -3.86
N GLN B 375 -17.50 -5.04 -3.39
CA GLN B 375 -18.33 -4.07 -2.70
C GLN B 375 -18.37 -2.80 -3.51
N ASP B 376 -18.01 -2.91 -4.79
CA ASP B 376 -18.00 -1.74 -5.66
C ASP B 376 -19.33 -1.02 -5.69
N LEU B 377 -20.40 -1.75 -6.02
CA LEU B 377 -21.73 -1.18 -6.09
C LEU B 377 -22.09 -0.56 -4.74
N HIS B 378 -21.97 -1.36 -3.69
CA HIS B 378 -22.26 -0.90 -2.34
C HIS B 378 -21.49 0.38 -2.08
N ALA B 379 -20.17 0.30 -2.16
CA ALA B 379 -19.32 1.48 -1.92
C ALA B 379 -19.81 2.69 -2.70
N ALA B 380 -20.17 2.47 -3.97
CA ALA B 380 -20.64 3.57 -4.80
C ALA B 380 -21.90 4.21 -4.24
N GLN B 381 -22.91 3.38 -3.95
CA GLN B 381 -24.17 3.86 -3.38
C GLN B 381 -23.88 4.64 -2.11
N PHE B 382 -23.14 4.00 -1.23
CA PHE B 382 -22.76 4.59 0.03
C PHE B 382 -22.24 6.01 -0.23
N PHE B 383 -21.25 6.13 -1.10
CA PHE B 383 -20.67 7.45 -1.41
C PHE B 383 -21.69 8.43 -1.95
N GLU B 384 -22.46 7.99 -2.94
CA GLU B 384 -23.49 8.81 -3.56
C GLU B 384 -24.38 9.44 -2.49
N ILE B 385 -24.87 8.60 -1.59
CA ILE B 385 -25.73 9.03 -0.51
C ILE B 385 -25.09 10.14 0.33
N LEU B 386 -23.84 9.97 0.72
CA LEU B 386 -23.19 11.02 1.51
C LEU B 386 -23.14 12.32 0.71
N LYS B 387 -23.10 12.19 -0.60
CA LYS B 387 -23.05 13.35 -1.47
C LYS B 387 -24.37 14.10 -1.36
N GLN B 388 -25.44 13.44 -1.80
CA GLN B 388 -26.78 14.00 -1.79
C GLN B 388 -27.25 14.45 -0.40
N MET B 389 -26.53 14.03 0.64
CA MET B 389 -26.89 14.44 2.00
C MET B 389 -26.29 15.81 2.24
N GLY B 390 -25.50 16.27 1.27
CA GLY B 390 -24.89 17.58 1.34
C GLY B 390 -23.66 17.76 2.20
N PHE B 391 -23.03 16.67 2.60
CA PHE B 391 -21.83 16.78 3.42
C PHE B 391 -20.67 17.32 2.58
N GLU B 392 -19.98 18.31 3.11
CA GLU B 392 -18.85 18.89 2.40
C GLU B 392 -17.77 17.83 2.23
N TRP B 393 -17.52 17.08 3.30
CA TRP B 393 -16.48 16.05 3.30
C TRP B 393 -16.75 14.85 2.41
N ALA B 394 -18.01 14.67 1.98
CA ALA B 394 -18.35 13.56 1.11
C ALA B 394 -17.35 13.47 -0.03
N LYS B 395 -16.95 14.62 -0.56
CA LYS B 395 -16.00 14.65 -1.67
C LYS B 395 -14.60 14.23 -1.27
N ASP B 396 -14.38 13.98 0.02
CA ASP B 396 -13.08 13.58 0.51
C ASP B 396 -13.00 12.09 0.85
N LEU B 397 -13.99 11.35 0.37
CA LEU B 397 -14.05 9.91 0.60
C LEU B 397 -13.57 9.19 -0.64
N GLN B 398 -12.82 8.11 -0.44
CA GLN B 398 -12.30 7.34 -1.56
C GLN B 398 -12.30 5.84 -1.30
N HIS B 399 -12.61 5.08 -2.33
CA HIS B 399 -12.66 3.63 -2.22
C HIS B 399 -11.49 2.99 -2.97
N VAL B 400 -10.63 2.31 -2.23
CA VAL B 400 -9.50 1.64 -2.84
C VAL B 400 -9.80 0.14 -2.85
N ASN B 401 -10.18 -0.39 -4.00
CA ASN B 401 -10.54 -1.80 -4.10
C ASN B 401 -9.40 -2.73 -4.47
N PHE B 402 -9.75 -3.98 -4.73
CA PHE B 402 -8.77 -4.98 -5.09
C PHE B 402 -9.44 -6.30 -5.45
N GLY B 403 -8.76 -7.08 -6.28
CA GLY B 403 -9.28 -8.37 -6.70
C GLY B 403 -9.20 -9.38 -5.57
N MET B 404 -9.89 -10.51 -5.73
CA MET B 404 -9.92 -11.52 -4.70
C MET B 404 -9.00 -12.71 -4.93
N VAL B 405 -8.60 -13.31 -3.81
CA VAL B 405 -7.77 -14.50 -3.82
C VAL B 405 -8.77 -15.64 -3.95
N GLN B 406 -8.68 -16.38 -5.03
CA GLN B 406 -9.59 -17.48 -5.28
C GLN B 406 -9.01 -18.81 -4.78
N GLY B 407 -9.89 -19.72 -4.36
CA GLY B 407 -9.45 -21.01 -3.87
C GLY B 407 -9.58 -21.13 -2.36
N MET B 408 -10.41 -20.29 -1.75
CA MET B 408 -10.64 -20.31 -0.31
C MET B 408 -12.11 -20.62 -0.04
N SER B 409 -12.40 -21.82 0.46
CA SER B 409 -13.79 -22.19 0.75
C SER B 409 -13.86 -23.17 1.93
N THR B 410 -14.57 -22.77 2.98
CA THR B 410 -14.72 -23.61 4.15
C THR B 410 -15.54 -24.85 3.81
N ARG B 411 -16.61 -24.66 3.05
CA ARG B 411 -17.45 -25.79 2.65
C ARG B 411 -16.77 -26.68 1.63
N LYS B 412 -15.64 -26.22 1.10
CA LYS B 412 -14.88 -27.01 0.13
C LYS B 412 -13.62 -27.56 0.79
N GLY B 413 -13.41 -27.18 2.05
CA GLY B 413 -12.25 -27.66 2.79
C GLY B 413 -10.96 -27.04 2.33
N THR B 414 -11.02 -26.18 1.31
CA THR B 414 -9.84 -25.52 0.76
C THR B 414 -9.33 -24.38 1.64
N VAL B 415 -10.16 -23.98 2.60
CA VAL B 415 -9.82 -22.90 3.53
C VAL B 415 -8.48 -23.13 4.23
N VAL B 416 -7.74 -22.06 4.43
CA VAL B 416 -6.45 -22.09 5.12
C VAL B 416 -6.31 -20.74 5.80
N PHE B 417 -6.22 -20.75 7.13
CA PHE B 417 -6.08 -19.50 7.88
C PHE B 417 -4.81 -18.76 7.52
N LEU B 418 -4.82 -17.44 7.68
CA LEU B 418 -3.66 -16.65 7.36
C LEU B 418 -2.52 -16.94 8.34
N ASP B 419 -2.83 -17.04 9.64
CA ASP B 419 -1.79 -17.33 10.63
C ASP B 419 -1.02 -18.58 10.21
N ASN B 420 -1.72 -19.54 9.63
CA ASN B 420 -1.09 -20.78 9.21
C ASN B 420 -0.29 -20.60 7.94
N ILE B 421 -0.83 -19.85 6.99
CA ILE B 421 -0.13 -19.57 5.73
C ILE B 421 1.26 -19.06 6.12
N LEU B 422 1.26 -18.08 7.00
CA LEU B 422 2.50 -17.48 7.49
C LEU B 422 3.40 -18.55 8.09
N GLU B 423 2.87 -19.22 9.10
CA GLU B 423 3.61 -20.26 9.79
C GLU B 423 4.20 -21.31 8.86
N GLU B 424 3.38 -21.87 7.99
CA GLU B 424 3.82 -22.90 7.05
C GLU B 424 4.96 -22.38 6.18
N THR B 425 4.83 -21.14 5.72
CA THR B 425 5.86 -20.53 4.89
C THR B 425 7.17 -20.33 5.67
N LYS B 426 7.03 -19.90 6.92
CA LYS B 426 8.17 -19.67 7.79
C LYS B 426 9.01 -20.94 7.91
N GLU B 427 8.33 -22.06 8.11
CA GLU B 427 9.00 -23.33 8.26
C GLU B 427 9.75 -23.71 6.99
N LYS B 428 9.09 -23.57 5.85
CA LYS B 428 9.72 -23.88 4.58
C LYS B 428 10.95 -23.00 4.36
N MET B 429 10.79 -21.71 4.63
CA MET B 429 11.92 -20.79 4.48
C MET B 429 13.02 -21.17 5.45
N HIS B 430 12.63 -21.74 6.59
CA HIS B 430 13.61 -22.13 7.58
C HIS B 430 14.49 -23.25 7.05
N GLU B 431 13.89 -24.16 6.29
CA GLU B 431 14.65 -25.27 5.76
C GLU B 431 15.66 -24.83 4.71
N VAL B 432 15.24 -23.95 3.80
CA VAL B 432 16.17 -23.48 2.76
C VAL B 432 17.31 -22.72 3.45
N MET B 433 16.98 -22.08 4.56
CA MET B 433 17.94 -21.33 5.36
C MET B 433 19.04 -22.23 5.96
N LYS B 434 18.67 -23.46 6.30
CA LYS B 434 19.62 -24.41 6.88
C LYS B 434 20.51 -25.06 5.82
N LYS B 435 20.09 -24.97 4.56
CA LYS B 435 20.87 -25.57 3.47
C LYS B 435 22.31 -25.04 3.43
N ASN B 436 22.55 -23.89 4.05
CA ASN B 436 23.88 -23.29 4.06
C ASN B 436 24.42 -23.21 5.48
N GLU B 437 25.04 -24.30 5.95
CA GLU B 437 25.58 -24.34 7.31
C GLU B 437 26.41 -23.13 7.71
N ASN B 438 27.59 -23.01 7.12
CA ASN B 438 28.49 -21.89 7.42
C ASN B 438 27.72 -20.61 7.73
N LYS B 439 26.86 -20.20 6.81
CA LYS B 439 26.07 -18.99 6.98
C LYS B 439 25.02 -19.14 8.10
N TYR B 440 24.20 -20.18 8.00
CA TYR B 440 23.15 -20.43 8.97
C TYR B 440 23.65 -20.25 10.40
N ALA B 441 24.83 -20.80 10.67
CA ALA B 441 25.45 -20.75 11.98
C ALA B 441 25.53 -19.36 12.54
N GLN B 442 25.73 -18.38 11.67
CA GLN B 442 25.89 -17.01 12.10
C GLN B 442 24.59 -16.28 12.42
N ILE B 443 23.46 -16.97 12.31
CA ILE B 443 22.18 -16.34 12.60
C ILE B 443 21.80 -16.61 14.04
N GLU B 444 21.41 -15.54 14.75
CA GLU B 444 21.02 -15.65 16.15
C GLU B 444 19.63 -16.20 16.36
N HIS B 445 18.71 -15.85 15.48
CA HIS B 445 17.34 -16.32 15.63
C HIS B 445 16.79 -16.83 14.32
N PRO B 446 17.24 -18.01 13.87
CA PRO B 446 16.79 -18.63 12.63
C PRO B 446 15.27 -18.60 12.48
N GLU B 447 14.56 -18.88 13.56
CA GLU B 447 13.10 -18.87 13.55
C GLU B 447 12.54 -17.49 13.23
N GLU B 448 12.97 -16.49 13.99
CA GLU B 448 12.49 -15.14 13.77
C GLU B 448 12.77 -14.68 12.33
N VAL B 449 13.98 -14.94 11.86
CA VAL B 449 14.38 -14.55 10.52
C VAL B 449 13.58 -15.30 9.45
N ALA B 450 13.39 -16.59 9.66
CA ALA B 450 12.65 -17.40 8.70
C ALA B 450 11.27 -16.81 8.53
N ASP B 451 10.64 -16.42 9.63
CA ASP B 451 9.31 -15.85 9.58
C ASP B 451 9.31 -14.52 8.82
N LEU B 452 10.38 -13.75 8.97
CA LEU B 452 10.49 -12.48 8.26
C LEU B 452 10.66 -12.75 6.78
N VAL B 453 11.46 -13.74 6.45
CA VAL B 453 11.68 -14.09 5.07
C VAL B 453 10.37 -14.58 4.46
N GLY B 454 9.70 -15.51 5.13
CA GLY B 454 8.45 -16.02 4.59
C GLY B 454 7.39 -14.96 4.37
N ILE B 455 7.29 -14.04 5.32
CA ILE B 455 6.30 -12.98 5.23
C ILE B 455 6.57 -12.13 4.01
N SER B 456 7.84 -11.86 3.73
CA SER B 456 8.19 -11.06 2.57
C SER B 456 7.70 -11.83 1.35
N ALA B 457 7.91 -13.14 1.38
CA ALA B 457 7.47 -13.99 0.28
C ALA B 457 5.97 -13.81 0.06
N VAL B 458 5.19 -14.05 1.11
CA VAL B 458 3.73 -13.93 1.08
C VAL B 458 3.25 -12.55 0.63
N MET B 459 3.76 -11.51 1.28
CA MET B 459 3.36 -10.16 0.95
C MET B 459 3.65 -9.78 -0.51
N ILE B 460 4.92 -9.91 -0.92
CA ILE B 460 5.28 -9.55 -2.28
C ILE B 460 4.47 -10.23 -3.35
N GLN B 461 4.39 -11.56 -3.30
CA GLN B 461 3.63 -12.31 -4.29
C GLN B 461 2.22 -11.80 -4.46
N ASP B 462 1.74 -11.02 -3.50
CA ASP B 462 0.40 -10.44 -3.56
C ASP B 462 0.46 -9.03 -4.11
N MET B 463 1.47 -8.27 -3.68
CA MET B 463 1.65 -6.89 -4.10
C MET B 463 2.30 -6.71 -5.48
N GLN B 464 2.73 -7.80 -6.11
CA GLN B 464 3.39 -7.72 -7.40
C GLN B 464 2.52 -7.15 -8.51
N GLY B 465 1.24 -7.51 -8.53
CA GLY B 465 0.37 -6.99 -9.56
C GLY B 465 -0.61 -5.98 -8.98
N LYS B 466 -1.25 -5.21 -9.85
CA LYS B 466 -2.22 -4.21 -9.42
C LYS B 466 -3.35 -4.79 -8.57
N ARG B 467 -3.76 -4.04 -7.55
CA ARG B 467 -4.82 -4.47 -6.64
C ARG B 467 -5.97 -5.20 -7.31
N ILE B 468 -6.55 -4.57 -8.32
CA ILE B 468 -7.68 -5.08 -9.06
C ILE B 468 -7.60 -6.53 -9.53
N ASN B 469 -6.39 -7.00 -9.82
CA ASN B 469 -6.21 -8.38 -10.29
C ASN B 469 -6.56 -9.47 -9.29
N ASN B 470 -7.22 -10.52 -9.77
CA ASN B 470 -7.55 -11.66 -8.93
C ASN B 470 -6.38 -12.61 -9.08
N TYR B 471 -6.33 -13.63 -8.22
CA TYR B 471 -5.29 -14.63 -8.35
C TYR B 471 -5.64 -15.89 -7.58
N GLU B 472 -5.21 -17.02 -8.13
CA GLU B 472 -5.47 -18.34 -7.56
C GLU B 472 -4.49 -18.69 -6.46
N PHE B 473 -5.01 -19.01 -5.27
CA PHE B 473 -4.15 -19.38 -4.16
C PHE B 473 -3.35 -20.61 -4.55
N LYS B 474 -2.04 -20.54 -4.38
CA LYS B 474 -1.15 -21.65 -4.71
C LYS B 474 0.05 -21.60 -3.78
N TRP B 475 0.28 -22.67 -3.03
CA TRP B 475 1.41 -22.69 -2.12
C TRP B 475 2.74 -22.33 -2.77
N GLU B 476 2.93 -22.74 -4.02
CA GLU B 476 4.17 -22.43 -4.71
C GLU B 476 4.37 -20.92 -4.82
N ARG B 477 3.26 -20.16 -4.76
CA ARG B 477 3.33 -18.70 -4.84
C ARG B 477 3.89 -18.13 -3.53
N MET B 478 3.63 -18.82 -2.44
CA MET B 478 4.11 -18.36 -1.14
C MET B 478 5.46 -18.97 -0.83
N LEU B 479 5.73 -20.13 -1.41
CA LEU B 479 6.97 -20.84 -1.11
C LEU B 479 8.19 -20.59 -1.98
N SER B 480 8.02 -19.94 -3.13
CA SER B 480 9.16 -19.68 -4.01
C SER B 480 10.11 -18.62 -3.47
N PHE B 481 11.41 -18.85 -3.67
CA PHE B 481 12.39 -17.90 -3.22
C PHE B 481 13.33 -17.49 -4.36
N GLU B 482 13.25 -18.19 -5.48
CA GLU B 482 14.10 -17.86 -6.63
C GLU B 482 13.35 -16.96 -7.62
N GLY B 483 14.08 -16.04 -8.24
CA GLY B 483 13.45 -15.12 -9.19
C GLY B 483 12.88 -13.95 -8.42
N ASP B 484 12.04 -13.14 -9.05
CA ASP B 484 11.44 -11.97 -8.38
C ASP B 484 10.47 -12.36 -7.28
N THR B 485 11.00 -12.57 -6.08
CA THR B 485 10.19 -12.96 -4.92
C THR B 485 10.65 -12.18 -3.72
N GLY B 486 9.82 -12.15 -2.68
CA GLY B 486 10.18 -11.45 -1.46
C GLY B 486 11.61 -11.82 -1.10
N PRO B 487 11.91 -13.13 -0.97
CA PRO B 487 13.26 -13.60 -0.64
C PRO B 487 14.37 -12.93 -1.44
N TYR B 488 14.11 -12.65 -2.71
CA TYR B 488 15.08 -11.97 -3.57
C TYR B 488 15.47 -10.62 -2.95
N LEU B 489 14.46 -9.81 -2.65
CA LEU B 489 14.72 -8.51 -2.05
C LEU B 489 15.46 -8.68 -0.72
N GLN B 490 14.98 -9.62 0.09
CA GLN B 490 15.60 -9.90 1.39
C GLN B 490 17.06 -10.27 1.23
N TYR B 491 17.35 -11.17 0.30
CA TYR B 491 18.71 -11.63 0.04
C TYR B 491 19.61 -10.48 -0.43
N ALA B 492 19.06 -9.58 -1.24
CA ALA B 492 19.83 -8.45 -1.74
C ALA B 492 20.18 -7.57 -0.55
N HIS B 493 19.18 -7.30 0.28
CA HIS B 493 19.39 -6.47 1.43
C HIS B 493 20.40 -7.15 2.34
N SER B 494 20.21 -8.45 2.54
CA SER B 494 21.08 -9.22 3.40
C SER B 494 22.52 -9.29 2.90
N ARG B 495 22.73 -9.38 1.60
CA ARG B 495 24.09 -9.45 1.13
C ARG B 495 24.80 -8.12 1.01
N LEU B 496 24.02 -7.04 0.93
CA LEU B 496 24.61 -5.72 0.84
C LEU B 496 25.14 -5.40 2.24
N ARG B 497 24.48 -5.96 3.26
CA ARG B 497 24.88 -5.77 4.65
C ARG B 497 26.15 -6.55 4.90
N SER B 498 26.21 -7.77 4.38
CA SER B 498 27.39 -8.60 4.56
C SER B 498 28.61 -7.86 4.02
N VAL B 499 28.44 -7.23 2.86
CA VAL B 499 29.52 -6.48 2.25
C VAL B 499 29.97 -5.36 3.20
N GLU B 500 28.99 -4.70 3.83
CA GLU B 500 29.29 -3.62 4.78
C GLU B 500 30.11 -4.18 5.93
N ARG B 501 29.56 -5.18 6.61
CA ARG B 501 30.25 -5.83 7.74
C ARG B 501 31.62 -6.27 7.27
N ASN B 502 31.67 -6.82 6.06
CA ASN B 502 32.91 -7.30 5.48
C ASN B 502 33.98 -6.23 5.38
N ALA B 503 33.59 -4.97 5.49
CA ALA B 503 34.56 -3.87 5.41
C ALA B 503 34.30 -2.84 6.50
N SER B 504 34.36 -3.30 7.75
CA SER B 504 34.15 -2.44 8.91
C SER B 504 35.22 -1.35 8.86
N GLY B 505 36.38 -1.69 8.33
CA GLY B 505 37.48 -0.76 8.23
C GLY B 505 37.05 0.63 7.80
N ILE B 506 35.95 0.71 7.05
CA ILE B 506 35.45 2.00 6.59
C ILE B 506 34.05 2.24 7.15
N THR B 507 33.76 3.49 7.48
CA THR B 507 32.47 3.85 8.05
C THR B 507 31.70 4.91 7.25
N GLN B 508 30.38 4.94 7.46
CA GLN B 508 29.47 5.85 6.76
C GLN B 508 29.93 7.30 6.59
N GLU B 509 30.41 7.91 7.67
CA GLU B 509 30.89 9.29 7.63
C GLU B 509 31.86 9.49 6.46
N LYS B 510 32.70 8.48 6.22
CA LYS B 510 33.68 8.54 5.14
C LYS B 510 33.03 8.33 3.77
N TRP B 511 31.92 7.60 3.74
CA TRP B 511 31.20 7.31 2.50
C TRP B 511 30.64 8.58 1.86
N ILE B 512 30.01 9.40 2.68
CA ILE B 512 29.41 10.64 2.21
C ILE B 512 30.41 11.54 1.50
N ASN B 513 31.68 11.45 1.88
CA ASN B 513 32.71 12.29 1.27
C ASN B 513 33.64 11.46 0.39
N ALA B 514 33.10 10.44 -0.26
CA ALA B 514 33.88 9.58 -1.12
C ALA B 514 34.13 10.29 -2.43
N ASP B 515 35.12 9.83 -3.18
CA ASP B 515 35.38 10.44 -4.47
C ASP B 515 34.43 9.80 -5.47
N PHE B 516 33.20 10.30 -5.52
CA PHE B 516 32.18 9.77 -6.41
C PHE B 516 32.57 9.65 -7.89
N SER B 517 33.64 10.33 -8.29
CA SER B 517 34.07 10.25 -9.68
C SER B 517 34.53 8.83 -9.99
N LEU B 518 34.88 8.09 -8.96
CA LEU B 518 35.33 6.72 -9.13
C LEU B 518 34.19 5.75 -9.44
N LEU B 519 32.97 6.26 -9.57
CA LEU B 519 31.81 5.41 -9.85
C LEU B 519 31.40 5.53 -11.32
N LYS B 520 32.40 5.50 -12.20
CA LYS B 520 32.23 5.65 -13.65
C LYS B 520 31.74 4.47 -14.48
N GLU B 521 31.73 3.27 -13.92
CA GLU B 521 31.32 2.12 -14.73
C GLU B 521 29.84 2.13 -15.06
N PRO B 522 29.47 1.64 -16.24
CA PRO B 522 28.09 1.58 -16.70
C PRO B 522 27.17 1.06 -15.61
N ALA B 523 27.49 -0.10 -15.08
CA ALA B 523 26.71 -0.73 -14.01
C ALA B 523 26.49 0.24 -12.86
N ALA B 524 27.51 0.99 -12.49
CA ALA B 524 27.38 1.94 -11.40
C ALA B 524 26.48 3.10 -11.81
N LYS B 525 26.60 3.52 -13.07
CA LYS B 525 25.80 4.63 -13.57
C LYS B 525 24.31 4.25 -13.54
N LEU B 526 23.98 3.09 -14.14
CA LEU B 526 22.60 2.64 -14.16
C LEU B 526 22.06 2.64 -12.74
N LEU B 527 22.85 2.09 -11.81
CA LEU B 527 22.43 2.03 -10.42
C LEU B 527 22.25 3.40 -9.78
N ILE B 528 23.15 4.33 -10.10
CA ILE B 528 23.05 5.68 -9.55
C ILE B 528 21.74 6.30 -10.03
N ARG B 529 21.55 6.32 -11.34
CA ARG B 529 20.32 6.89 -11.91
C ARG B 529 19.11 6.28 -11.23
N LEU B 530 19.19 4.97 -11.03
CA LEU B 530 18.12 4.23 -10.37
C LEU B 530 17.81 4.84 -9.01
N LEU B 531 18.85 5.06 -8.22
CA LEU B 531 18.74 5.62 -6.89
C LEU B 531 17.96 6.93 -6.80
N GLY B 532 18.13 7.80 -7.79
CA GLY B 532 17.44 9.07 -7.74
C GLY B 532 15.99 9.08 -8.11
N GLN B 533 15.45 7.91 -8.46
CA GLN B 533 14.06 7.80 -8.86
C GLN B 533 13.08 7.45 -7.72
N TYR B 534 13.61 6.91 -6.61
CA TYR B 534 12.74 6.52 -5.50
C TYR B 534 11.75 7.63 -5.14
N PRO B 535 12.22 8.89 -5.06
CA PRO B 535 11.31 9.99 -4.73
C PRO B 535 10.15 10.07 -5.71
N ASP B 536 10.44 10.01 -7.01
CA ASP B 536 9.35 10.04 -7.98
C ASP B 536 8.44 8.84 -7.73
N VAL B 537 9.04 7.67 -7.53
CA VAL B 537 8.28 6.44 -7.30
C VAL B 537 7.24 6.60 -6.20
N LEU B 538 7.64 7.15 -5.05
CA LEU B 538 6.70 7.31 -3.96
C LEU B 538 5.55 8.24 -4.28
N ARG B 539 5.84 9.36 -4.93
CA ARG B 539 4.79 10.31 -5.28
C ARG B 539 3.83 9.69 -6.28
N ASN B 540 4.35 8.88 -7.19
CA ASN B 540 3.52 8.21 -8.18
C ASN B 540 2.70 7.13 -7.46
N ALA B 541 3.34 6.52 -6.46
CA ALA B 541 2.72 5.48 -5.66
C ALA B 541 1.47 6.01 -4.99
N ILE B 542 1.52 7.26 -4.54
CA ILE B 542 0.37 7.83 -3.85
C ILE B 542 -0.71 8.29 -4.82
N LYS B 543 -0.39 8.26 -6.11
CA LYS B 543 -1.38 8.64 -7.09
C LYS B 543 -2.12 7.37 -7.51
N THR B 544 -1.36 6.29 -7.73
CA THR B 544 -1.96 5.02 -8.14
C THR B 544 -2.40 4.17 -6.95
N HIS B 545 -1.91 4.47 -5.75
CA HIS B 545 -2.29 3.67 -4.60
C HIS B 545 -2.01 2.19 -4.88
N GLU B 546 -0.95 1.92 -5.63
CA GLU B 546 -0.58 0.55 -5.98
C GLU B 546 0.73 0.10 -5.35
N PRO B 547 0.69 -0.96 -4.53
CA PRO B 547 1.92 -1.43 -3.91
C PRO B 547 2.89 -1.81 -5.02
N THR B 548 2.32 -2.29 -6.12
CA THR B 548 3.12 -2.70 -7.25
C THR B 548 3.97 -1.55 -7.80
N THR B 549 3.50 -0.31 -7.63
CA THR B 549 4.25 0.83 -8.12
C THR B 549 5.61 0.83 -7.46
N VAL B 550 5.63 0.46 -6.19
CA VAL B 550 6.85 0.41 -5.41
C VAL B 550 7.61 -0.87 -5.66
N VAL B 551 6.92 -2.00 -5.60
CA VAL B 551 7.56 -3.31 -5.81
C VAL B 551 8.29 -3.38 -7.16
N THR B 552 7.67 -2.86 -8.21
CA THR B 552 8.29 -2.85 -9.52
C THR B 552 9.64 -2.13 -9.45
N TYR B 553 9.63 -0.98 -8.80
CA TYR B 553 10.85 -0.19 -8.67
C TYR B 553 11.85 -1.00 -7.89
N LEU B 554 11.41 -1.49 -6.74
CA LEU B 554 12.26 -2.26 -5.88
C LEU B 554 13.02 -3.37 -6.61
N PHE B 555 12.40 -3.97 -7.64
CA PHE B 555 13.11 -5.01 -8.37
C PHE B 555 14.11 -4.43 -9.35
N LYS B 556 13.76 -3.36 -10.06
CA LYS B 556 14.71 -2.74 -10.97
C LYS B 556 15.96 -2.40 -10.17
N LEU B 557 15.75 -1.87 -8.96
CA LEU B 557 16.83 -1.50 -8.07
C LEU B 557 17.67 -2.70 -7.70
N THR B 558 17.03 -3.70 -7.11
CA THR B 558 17.74 -4.90 -6.69
C THR B 558 18.34 -5.65 -7.87
N HIS B 559 17.71 -5.55 -9.03
CA HIS B 559 18.28 -6.23 -10.18
C HIS B 559 19.61 -5.58 -10.52
N GLN B 560 19.59 -4.26 -10.63
CA GLN B 560 20.79 -3.51 -10.97
C GLN B 560 21.86 -3.72 -9.90
N VAL B 561 21.45 -3.68 -8.64
CA VAL B 561 22.39 -3.90 -7.56
C VAL B 561 23.15 -5.20 -7.81
N SER B 562 22.38 -6.27 -7.96
CA SER B 562 22.93 -7.60 -8.18
C SER B 562 23.85 -7.64 -9.39
N SER B 563 23.53 -6.89 -10.43
CA SER B 563 24.41 -6.90 -11.57
C SER B 563 25.72 -6.31 -11.11
N CYS B 564 25.65 -5.12 -10.51
CA CYS B 564 26.84 -4.48 -9.99
C CYS B 564 27.65 -5.41 -9.09
N TYR B 565 26.95 -6.06 -8.16
CA TYR B 565 27.57 -6.99 -7.21
C TYR B 565 28.57 -7.95 -7.84
N ASP B 566 28.36 -8.29 -9.11
CA ASP B 566 29.26 -9.22 -9.79
C ASP B 566 30.40 -8.56 -10.52
N VAL B 567 30.56 -7.24 -10.38
CA VAL B 567 31.64 -6.60 -11.10
C VAL B 567 32.34 -5.50 -10.31
N LEU B 568 31.62 -4.87 -9.39
CA LEU B 568 32.22 -3.81 -8.60
C LEU B 568 32.43 -4.29 -7.18
N TRP B 569 33.64 -4.77 -6.91
CA TRP B 569 33.96 -5.26 -5.58
C TRP B 569 34.32 -4.13 -4.63
N VAL B 570 33.97 -4.31 -3.37
CA VAL B 570 34.30 -3.31 -2.36
C VAL B 570 35.59 -3.81 -1.73
N ALA B 571 35.71 -5.14 -1.66
CA ALA B 571 36.89 -5.74 -1.05
C ALA B 571 38.09 -5.82 -1.98
N GLY B 572 39.28 -5.75 -1.39
CA GLY B 572 40.53 -5.85 -2.14
C GLY B 572 40.75 -4.71 -3.10
N GLN B 573 40.35 -3.51 -2.66
CA GLN B 573 40.47 -2.31 -3.47
C GLN B 573 41.22 -1.19 -2.73
N THR B 574 41.54 -0.14 -3.46
CA THR B 574 42.21 1.01 -2.87
C THR B 574 41.17 1.65 -1.97
N GLU B 575 41.58 2.08 -0.79
CA GLU B 575 40.65 2.70 0.16
C GLU B 575 39.74 3.71 -0.52
N GLU B 576 40.28 4.40 -1.51
CA GLU B 576 39.51 5.41 -2.21
C GLU B 576 38.34 4.81 -3.00
N LEU B 577 38.62 3.80 -3.81
CA LEU B 577 37.57 3.15 -4.60
C LEU B 577 36.65 2.32 -3.71
N ALA B 578 37.20 1.78 -2.64
CA ALA B 578 36.44 0.96 -1.70
C ALA B 578 35.37 1.79 -0.98
N THR B 579 35.69 3.06 -0.73
CA THR B 579 34.79 3.94 -0.04
C THR B 579 33.73 4.41 -1.03
N ALA B 580 34.15 4.58 -2.27
CA ALA B 580 33.26 5.04 -3.32
C ALA B 580 32.12 4.05 -3.55
N ARG B 581 32.47 2.78 -3.70
CA ARG B 581 31.47 1.76 -3.95
C ARG B 581 30.65 1.46 -2.68
N LEU B 582 31.28 1.61 -1.51
CA LEU B 582 30.56 1.37 -0.25
C LEU B 582 29.46 2.42 -0.07
N ALA B 583 29.67 3.57 -0.70
CA ALA B 583 28.70 4.66 -0.61
C ALA B 583 27.59 4.35 -1.59
N LEU B 584 27.96 3.72 -2.70
CA LEU B 584 27.01 3.34 -3.74
C LEU B 584 26.11 2.21 -3.26
N TYR B 585 26.72 1.13 -2.77
CA TYR B 585 25.95 0.00 -2.26
C TYR B 585 25.24 0.45 -1.00
N GLY B 586 25.91 1.31 -0.23
CA GLY B 586 25.30 1.79 1.00
C GLY B 586 23.97 2.46 0.73
N ALA B 587 23.99 3.44 -0.17
CA ALA B 587 22.77 4.17 -0.51
C ALA B 587 21.75 3.18 -1.06
N ALA B 588 22.21 2.30 -1.95
CA ALA B 588 21.33 1.32 -2.55
C ALA B 588 20.62 0.54 -1.45
N ARG B 589 21.37 0.06 -0.47
CA ARG B 589 20.76 -0.69 0.61
C ARG B 589 19.72 0.18 1.34
N GLN B 590 20.08 1.41 1.67
CA GLN B 590 19.16 2.31 2.36
C GLN B 590 17.85 2.48 1.59
N VAL B 591 17.93 2.68 0.28
CA VAL B 591 16.71 2.83 -0.49
C VAL B 591 15.86 1.57 -0.43
N LEU B 592 16.48 0.40 -0.62
CA LEU B 592 15.77 -0.88 -0.59
C LEU B 592 15.16 -1.09 0.78
N TYR B 593 15.86 -0.62 1.80
CA TYR B 593 15.42 -0.71 3.16
C TYR B 593 14.13 0.10 3.24
N ASN B 594 14.21 1.37 2.85
CA ASN B 594 13.07 2.27 2.86
C ASN B 594 11.84 1.69 2.18
N GLY B 595 12.01 1.24 0.94
CA GLY B 595 10.90 0.68 0.19
C GLY B 595 10.28 -0.53 0.84
N MET B 596 11.11 -1.46 1.29
CA MET B 596 10.60 -2.67 1.91
C MET B 596 9.76 -2.31 3.12
N ARG B 597 10.28 -1.43 3.96
CA ARG B 597 9.53 -1.02 5.13
C ARG B 597 8.22 -0.39 4.69
N LEU B 598 8.30 0.52 3.72
CA LEU B 598 7.09 1.18 3.25
C LEU B 598 6.04 0.13 2.96
N LEU B 599 6.41 -0.90 2.19
CA LEU B 599 5.48 -1.98 1.85
C LEU B 599 5.01 -2.80 3.06
N GLY B 600 5.74 -2.70 4.17
CA GLY B 600 5.37 -3.42 5.36
C GLY B 600 6.20 -4.64 5.68
N LEU B 601 7.26 -4.87 4.90
CA LEU B 601 8.13 -6.01 5.12
C LEU B 601 9.12 -5.65 6.22
N THR B 602 10.04 -6.55 6.53
CA THR B 602 11.05 -6.31 7.54
C THR B 602 12.40 -6.77 7.03
N PRO B 603 13.26 -5.82 6.62
CA PRO B 603 14.58 -6.22 6.12
C PRO B 603 15.33 -7.09 7.13
N VAL B 604 16.13 -8.02 6.63
CA VAL B 604 16.91 -8.88 7.51
C VAL B 604 18.38 -8.69 7.20
N GLU B 605 19.21 -8.74 8.25
CA GLU B 605 20.65 -8.57 8.16
C GLU B 605 21.34 -9.84 7.69
N ARG B 606 20.79 -10.98 8.12
CA ARG B 606 21.33 -12.30 7.76
C ARG B 606 20.22 -13.30 7.51
N MET B 607 20.45 -14.22 6.58
CA MET B 607 19.48 -15.26 6.25
C MET B 607 20.23 -16.43 5.62
#